data_9J4I
#
_entry.id   9J4I
#
_cell.length_a   167.713
_cell.length_b   167.713
_cell.length_c   85.160
_cell.angle_alpha   90.00
_cell.angle_beta   90.00
_cell.angle_gamma   120.00
#
_symmetry.space_group_name_H-M   'P 65'
#
loop_
_entity.id
_entity.type
_entity.pdbx_description
1 polymer 'DFA-III-forming inulin fructotransferase'
2 branched beta-D-fructofuranose-(2-1)-beta-D-fructofuranose-(2-1)-beta-D-fructofuranose-(2-1)-[alpha-D-glucopyranose-(1-2)]beta-D-fructofuranose
3 branched beta-D-fructofuranose-(2-1)-beta-D-fructofuranose-(2-1)-[alpha-D-glucopyranose-(1-2)]beta-D-fructofuranose
4 water water
#
_entity_poly.entity_id   1
_entity_poly.type   'polypeptide(L)'
_entity_poly.pdbx_seq_one_letter_code
;PLNSPNVYDVTAWRIKGQPKVTAESDIGAVINDIIADIKKRQSTPETRPGAVVIIPPGDYDLHTQVVVDVDYLTIAGFGH
GFFSRSIKDNVDTTGWLNLQPGGSHIRVLTPPTSPQAFLVRRDGSPRLSGIVFKDFCLDGVSFVPDGNSYKNGKTGIDVA
SDNDSIHITGMGFVYLEHALIVRGADALRVHDNMVAECGNCVELTGAGQATIVSDNLMGAGPEGVTLLAENHEGLLVTGN
NFFPRGRSLLEFTGCNRCSVTSNRFQGFYPGMMRLLNGCKENLITSNHFRRGTEGFPPFIDRTNGLDDLYGVIHAMGDNN
LISNNLFAYDVPPGKIAPAGAQPTIMLIAGGDGNVIATNHVISNVDTQHVVLDGSATRSKVLDSGAASTITSYSPDTAIR
PTPH
;
_entity_poly.pdbx_strand_id   A,B,C
#
# COMPACT_ATOMS: atom_id res chain seq x y z
N PRO A 1 -8.76 -2.73 31.81
CA PRO A 1 -9.36 -3.38 30.61
C PRO A 1 -8.62 -4.69 30.25
N LEU A 2 -7.32 -4.57 29.98
CA LEU A 2 -6.36 -5.70 29.91
C LEU A 2 -5.55 -5.69 31.21
N ASN A 3 -4.86 -6.78 31.54
CA ASN A 3 -4.16 -6.93 32.84
C ASN A 3 -2.77 -6.28 32.76
N SER A 4 -2.60 -5.16 32.04
CA SER A 4 -1.31 -4.45 31.91
C SER A 4 -1.49 -3.01 32.34
N PRO A 5 -0.55 -2.43 33.12
CA PRO A 5 -0.59 -1.00 33.43
C PRO A 5 -0.26 -0.09 32.23
N ASN A 6 0.16 -0.67 31.09
CA ASN A 6 0.58 0.08 29.88
C ASN A 6 -0.57 0.19 28.88
N VAL A 7 -1.80 -0.17 29.27
CA VAL A 7 -3.02 -0.02 28.43
C VAL A 7 -3.92 0.99 29.14
N TYR A 8 -4.17 2.12 28.50
CA TYR A 8 -5.00 3.23 29.03
C TYR A 8 -6.22 3.39 28.11
N ASP A 9 -7.38 3.53 28.74
CA ASP A 9 -8.65 3.92 28.08
C ASP A 9 -8.90 5.35 28.52
N VAL A 10 -8.90 6.33 27.60
CA VAL A 10 -9.05 7.78 27.94
C VAL A 10 -10.40 8.02 28.62
N THR A 11 -11.41 7.17 28.37
CA THR A 11 -12.76 7.34 28.98
C THR A 11 -12.77 6.75 30.41
N ALA A 12 -11.77 5.95 30.78
CA ALA A 12 -11.70 5.28 32.08
C ALA A 12 -10.70 6.00 32.99
N TRP A 13 -9.69 6.64 32.40
CA TRP A 13 -8.61 7.32 33.15
C TRP A 13 -9.20 8.54 33.88
N ARG A 14 -8.98 8.60 35.19
CA ARG A 14 -9.41 9.76 36.02
C ARG A 14 -8.13 10.44 36.51
N ILE A 15 -8.08 11.76 36.42
CA ILE A 15 -6.95 12.56 36.96
C ILE A 15 -7.21 12.72 38.46
N LYS A 16 -6.33 12.17 39.29
CA LYS A 16 -6.50 12.24 40.76
C LYS A 16 -6.51 13.72 41.16
N GLY A 17 -7.56 14.16 41.86
CA GLY A 17 -7.72 15.55 42.28
C GLY A 17 -8.38 16.41 41.21
N GLN A 18 -8.75 15.88 40.04
CA GLN A 18 -9.41 16.72 38.98
C GLN A 18 -10.54 15.95 38.32
N PRO A 19 -11.60 15.57 39.08
CA PRO A 19 -12.67 14.73 38.56
C PRO A 19 -13.48 15.37 37.43
N LYS A 20 -13.45 16.70 37.28
CA LYS A 20 -14.18 17.43 36.19
C LYS A 20 -13.44 17.35 34.85
N VAL A 21 -12.14 17.05 34.85
CA VAL A 21 -11.32 16.97 33.61
C VAL A 21 -11.44 15.54 33.06
N THR A 22 -12.27 15.38 32.01
CA THR A 22 -12.56 14.08 31.37
C THR A 22 -12.05 14.12 29.93
N ALA A 23 -12.05 12.97 29.25
CA ALA A 23 -11.74 12.88 27.81
C ALA A 23 -12.68 13.84 27.07
N GLU A 24 -13.94 13.93 27.50
CA GLU A 24 -14.94 14.79 26.81
C GLU A 24 -14.53 16.27 26.97
N SER A 25 -14.14 16.70 28.18
CA SER A 25 -13.94 18.14 28.48
C SER A 25 -12.56 18.62 28.03
N ASP A 26 -11.53 17.78 28.16
CA ASP A 26 -10.15 18.12 27.76
C ASP A 26 -9.32 16.84 27.67
N ILE A 27 -9.42 16.15 26.54
CA ILE A 27 -8.69 14.89 26.29
C ILE A 27 -7.19 15.19 26.31
N GLY A 28 -6.78 16.41 26.00
CA GLY A 28 -5.37 16.84 26.12
C GLY A 28 -4.83 16.64 27.53
N ALA A 29 -5.50 17.22 28.53
CA ALA A 29 -5.16 17.10 29.98
C ALA A 29 -5.13 15.62 30.38
N VAL A 30 -6.10 14.84 29.94
CA VAL A 30 -6.18 13.40 30.28
C VAL A 30 -4.93 12.70 29.75
N ILE A 31 -4.58 12.91 28.47
CA ILE A 31 -3.45 12.15 27.85
C ILE A 31 -2.13 12.62 28.49
N ASN A 32 -1.98 13.92 28.80
CA ASN A 32 -0.78 14.44 29.52
C ASN A 32 -0.63 13.72 30.86
N ASP A 33 -1.74 13.52 31.59
CA ASP A 33 -1.74 12.83 32.90
C ASP A 33 -1.34 11.36 32.70
N ILE A 34 -1.87 10.70 31.68
CA ILE A 34 -1.49 9.31 31.32
C ILE A 34 0.03 9.26 31.07
N ILE A 35 0.60 10.26 30.38
CA ILE A 35 2.05 10.28 30.03
C ILE A 35 2.88 10.51 31.31
N ALA A 36 2.41 11.36 32.23
CA ALA A 36 3.01 11.50 33.58
C ALA A 36 2.98 10.13 34.29
N ASP A 37 1.88 9.37 34.18
CA ASP A 37 1.77 8.04 34.84
C ASP A 37 2.75 7.04 34.22
N ILE A 38 2.88 7.04 32.90
CA ILE A 38 3.88 6.21 32.16
C ILE A 38 5.29 6.54 32.69
N LYS A 39 5.62 7.82 32.78
CA LYS A 39 6.99 8.26 33.18
C LYS A 39 7.28 7.83 34.61
N LYS A 40 6.28 7.90 35.50
CA LYS A 40 6.42 7.56 36.94
C LYS A 40 6.75 6.07 37.06
N ARG A 41 6.11 5.21 36.26
CA ARG A 41 6.28 3.74 36.32
C ARG A 41 7.52 3.29 35.54
N GLN A 42 7.77 3.88 34.36
CA GLN A 42 8.85 3.47 33.42
C GLN A 42 10.01 4.43 33.64
N SER A 43 10.86 4.13 34.65
CA SER A 43 11.74 5.12 35.32
C SER A 43 13.22 4.89 35.00
N THR A 44 13.58 3.90 34.18
CA THR A 44 14.98 3.64 33.76
C THR A 44 15.03 3.42 32.24
N PRO A 45 16.19 3.69 31.61
CA PRO A 45 16.37 3.44 30.17
C PRO A 45 16.22 1.98 29.74
N GLU A 46 16.09 1.04 30.66
CA GLU A 46 15.82 -0.38 30.31
C GLU A 46 14.41 -0.80 30.72
N THR A 47 13.55 0.11 31.17
CA THR A 47 12.16 -0.24 31.58
C THR A 47 11.16 0.74 30.99
N ARG A 48 11.38 1.15 29.74
CA ARG A 48 10.51 2.12 29.04
C ARG A 48 9.99 1.53 27.74
N PRO A 49 9.17 0.45 27.78
CA PRO A 49 8.55 -0.08 26.56
C PRO A 49 7.40 0.78 25.97
N GLY A 50 6.96 1.81 26.70
CA GLY A 50 5.87 2.71 26.29
C GLY A 50 4.50 2.13 26.63
N ALA A 51 3.47 2.54 25.90
CA ALA A 51 2.08 2.23 26.26
C ALA A 51 1.16 2.48 25.07
N VAL A 52 -0.09 2.05 25.23
CA VAL A 52 -1.18 2.37 24.27
C VAL A 52 -2.25 3.18 24.99
N VAL A 53 -2.64 4.29 24.37
CA VAL A 53 -3.78 5.16 24.77
C VAL A 53 -4.91 4.86 23.79
N ILE A 54 -5.99 4.27 24.30
CA ILE A 54 -7.16 3.84 23.49
C ILE A 54 -8.19 4.95 23.55
N ILE A 55 -8.66 5.38 22.38
CA ILE A 55 -9.70 6.44 22.24
C ILE A 55 -10.95 5.80 21.64
N PRO A 56 -11.95 5.48 22.49
CA PRO A 56 -13.21 4.95 21.98
C PRO A 56 -13.86 5.97 21.05
N PRO A 57 -14.78 5.54 20.17
CA PRO A 57 -15.56 6.49 19.39
C PRO A 57 -16.29 7.45 20.35
N GLY A 58 -16.35 8.73 19.99
CA GLY A 58 -16.96 9.79 20.83
C GLY A 58 -16.49 11.16 20.39
N ASP A 59 -17.04 12.20 21.01
CA ASP A 59 -16.71 13.63 20.76
C ASP A 59 -15.89 14.11 21.96
N TYR A 60 -14.63 14.49 21.71
CA TYR A 60 -13.68 14.87 22.78
C TYR A 60 -13.10 16.22 22.44
N ASP A 61 -13.20 17.17 23.38
CA ASP A 61 -12.54 18.49 23.21
C ASP A 61 -11.10 18.36 23.69
N LEU A 62 -10.16 18.90 22.93
CA LEU A 62 -8.74 19.04 23.34
C LEU A 62 -8.44 20.52 23.49
N HIS A 63 -8.28 20.98 24.72
CA HIS A 63 -7.93 22.37 25.09
C HIS A 63 -6.44 22.45 25.44
N THR A 64 -5.84 21.38 25.97
CA THR A 64 -4.42 21.40 26.40
C THR A 64 -3.60 20.61 25.39
N GLN A 65 -2.55 21.24 24.87
CA GLN A 65 -1.58 20.59 23.97
C GLN A 65 -0.99 19.37 24.67
N VAL A 66 -0.93 18.26 23.96
CA VAL A 66 -0.30 17.02 24.48
C VAL A 66 1.18 17.05 24.06
N VAL A 67 2.07 16.87 25.02
CA VAL A 67 3.53 16.75 24.75
C VAL A 67 3.87 15.25 24.79
N VAL A 68 4.17 14.68 23.63
CA VAL A 68 4.63 13.27 23.50
C VAL A 68 6.16 13.28 23.54
N ASP A 69 6.74 12.82 24.65
CA ASP A 69 8.20 12.81 24.87
C ASP A 69 8.62 11.42 25.32
N VAL A 70 7.85 10.38 24.98
CA VAL A 70 8.23 8.99 25.37
C VAL A 70 8.21 8.13 24.11
N ASP A 71 9.13 7.18 24.05
CA ASP A 71 9.24 6.22 22.93
C ASP A 71 8.08 5.25 23.00
N TYR A 72 7.66 4.76 21.83
CA TYR A 72 6.70 3.64 21.71
C TYR A 72 5.39 4.01 22.41
N LEU A 73 4.98 5.28 22.32
CA LEU A 73 3.59 5.63 22.64
C LEU A 73 2.75 5.36 21.39
N THR A 74 1.77 4.46 21.49
CA THR A 74 0.69 4.31 20.50
C THR A 74 -0.53 5.08 20.99
N ILE A 75 -1.04 6.00 20.17
CA ILE A 75 -2.37 6.59 20.42
C ILE A 75 -3.29 6.07 19.30
N ALA A 76 -4.34 5.36 19.68
CA ALA A 76 -5.15 4.51 18.77
C ALA A 76 -6.64 4.70 19.06
N GLY A 77 -7.42 5.04 18.03
CA GLY A 77 -8.89 5.03 18.08
C GLY A 77 -9.47 3.86 17.30
N PHE A 78 -10.73 3.97 16.90
CA PHE A 78 -11.46 2.91 16.16
C PHE A 78 -12.03 3.45 14.84
N GLY A 79 -11.67 4.67 14.45
CA GLY A 79 -12.24 5.28 13.25
C GLY A 79 -11.69 6.67 12.98
N HIS A 80 -11.41 6.93 11.70
CA HIS A 80 -10.88 8.20 11.16
C HIS A 80 -11.97 9.31 11.17
N GLY A 81 -13.26 8.96 11.17
CA GLY A 81 -14.41 9.87 11.39
C GLY A 81 -14.52 11.02 10.41
N PHE A 82 -13.96 10.92 9.20
CA PHE A 82 -13.90 12.07 8.26
C PHE A 82 -15.31 12.47 7.79
N PHE A 83 -15.54 13.78 7.75
CA PHE A 83 -16.80 14.46 7.32
C PHE A 83 -16.39 15.73 6.59
N SER A 84 -16.96 16.00 5.42
CA SER A 84 -16.70 17.26 4.68
C SER A 84 -17.34 18.44 5.41
N ARG A 85 -16.57 19.13 6.24
CA ARG A 85 -17.01 20.42 6.83
C ARG A 85 -17.13 21.45 5.70
N SER A 86 -16.34 21.32 4.63
CA SER A 86 -16.33 22.29 3.50
C SER A 86 -17.69 22.28 2.79
N ILE A 87 -18.20 21.10 2.47
CA ILE A 87 -19.55 21.01 1.85
C ILE A 87 -20.60 21.50 2.84
N LYS A 88 -20.55 21.00 4.08
CA LYS A 88 -21.47 21.41 5.17
C LYS A 88 -21.51 22.94 5.27
N ASP A 89 -20.36 23.61 5.19
CA ASP A 89 -20.26 25.07 5.42
C ASP A 89 -20.81 25.84 4.21
N ASN A 90 -21.01 25.20 3.06
CA ASN A 90 -21.30 25.95 1.81
C ASN A 90 -22.65 25.58 1.18
N VAL A 91 -23.39 24.65 1.76
CA VAL A 91 -24.68 24.19 1.15
C VAL A 91 -25.77 24.24 2.20
N ASP A 92 -26.99 23.99 1.76
CA ASP A 92 -28.22 23.94 2.60
C ASP A 92 -28.21 22.63 3.39
N THR A 93 -28.15 22.70 4.72
CA THR A 93 -28.02 21.51 5.60
C THR A 93 -29.35 21.16 6.27
N THR A 94 -30.48 21.69 5.77
CA THR A 94 -31.82 21.44 6.37
C THR A 94 -32.08 19.92 6.31
N GLY A 95 -32.46 19.34 7.44
CA GLY A 95 -32.78 17.90 7.55
C GLY A 95 -31.54 17.01 7.50
N TRP A 96 -30.34 17.58 7.56
CA TRP A 96 -29.08 16.80 7.62
C TRP A 96 -29.03 16.03 8.94
N LEU A 97 -28.64 14.76 8.88
CA LEU A 97 -28.62 13.86 10.05
C LEU A 97 -27.27 13.98 10.77
N ASN A 98 -26.27 14.64 10.18
CA ASN A 98 -24.94 14.83 10.82
C ASN A 98 -24.34 16.13 10.32
N LEU A 99 -23.66 16.87 11.21
CA LEU A 99 -23.10 18.21 10.91
C LEU A 99 -21.61 18.27 11.28
N GLN A 100 -21.02 17.18 11.74
CA GLN A 100 -19.58 17.25 12.10
C GLN A 100 -18.94 15.87 11.96
N PRO A 101 -17.59 15.83 11.90
CA PRO A 101 -16.84 14.57 11.90
C PRO A 101 -17.09 13.76 13.18
N GLY A 102 -16.70 12.49 13.14
CA GLY A 102 -16.98 11.56 14.25
C GLY A 102 -15.86 10.55 14.41
N GLY A 103 -16.22 9.30 14.66
CA GLY A 103 -15.29 8.22 14.96
C GLY A 103 -14.66 8.48 16.31
N SER A 104 -13.34 8.30 16.42
CA SER A 104 -12.57 8.65 17.64
C SER A 104 -12.17 10.13 17.50
N HIS A 105 -13.09 11.02 17.86
CA HIS A 105 -13.18 12.41 17.36
C HIS A 105 -12.60 13.42 18.35
N ILE A 106 -11.40 13.92 18.04
CA ILE A 106 -10.74 15.00 18.82
C ILE A 106 -10.98 16.33 18.11
N ARG A 107 -11.73 17.20 18.79
CA ARG A 107 -11.96 18.61 18.39
CA ARG A 107 -11.96 18.61 18.40
C ARG A 107 -10.76 19.42 18.91
N VAL A 108 -9.94 19.95 18.01
CA VAL A 108 -8.70 20.66 18.39
C VAL A 108 -9.10 22.11 18.73
N LEU A 109 -9.01 22.46 20.01
CA LEU A 109 -9.47 23.77 20.55
C LEU A 109 -8.32 24.35 21.38
N THR A 110 -7.11 24.26 20.83
CA THR A 110 -5.84 24.67 21.46
C THR A 110 -5.79 26.19 21.56
N PRO A 111 -5.01 26.73 22.52
CA PRO A 111 -4.79 28.18 22.62
C PRO A 111 -3.79 28.62 21.56
N PRO A 112 -3.87 29.89 21.08
CA PRO A 112 -2.95 30.41 20.07
C PRO A 112 -1.46 30.28 20.38
N THR A 113 -1.10 30.21 21.66
CA THR A 113 0.29 30.17 22.18
C THR A 113 0.82 28.74 22.27
N SER A 114 -0.05 27.72 22.18
CA SER A 114 0.33 26.28 22.07
C SER A 114 -0.63 25.59 21.10
N PRO A 115 -0.55 25.94 19.81
CA PRO A 115 -1.63 25.62 18.86
C PRO A 115 -1.66 24.18 18.33
N GLN A 116 -0.57 23.43 18.45
CA GLN A 116 -0.49 22.01 18.00
C GLN A 116 -1.17 21.12 19.05
N ALA A 117 -2.08 20.25 18.62
CA ALA A 117 -2.82 19.34 19.53
C ALA A 117 -1.81 18.36 20.15
N PHE A 118 -0.97 17.77 19.32
CA PHE A 118 0.09 16.82 19.71
C PHE A 118 1.42 17.39 19.28
N LEU A 119 2.27 17.69 20.25
CA LEU A 119 3.67 18.11 20.02
C LEU A 119 4.57 16.94 20.45
N VAL A 120 5.24 16.32 19.48
CA VAL A 120 6.14 15.16 19.71
C VAL A 120 7.55 15.74 19.71
N ARG A 121 8.18 15.81 20.87
CA ARG A 121 9.45 16.55 21.06
C ARG A 121 10.15 16.00 22.30
N ARG A 122 11.45 15.80 22.20
CA ARG A 122 12.31 15.45 23.35
C ARG A 122 13.61 16.23 23.20
N ASP A 123 14.05 16.89 24.27
CA ASP A 123 15.44 17.39 24.41
C ASP A 123 16.25 16.24 24.97
N GLY A 124 17.34 15.88 24.32
CA GLY A 124 18.19 14.75 24.74
C GLY A 124 18.10 13.63 23.74
N SER A 125 18.68 12.50 24.11
CA SER A 125 19.03 11.36 23.22
C SER A 125 18.43 10.09 23.80
N PRO A 126 18.15 9.05 23.00
CA PRO A 126 18.29 9.10 21.54
C PRO A 126 17.07 9.75 20.86
N ARG A 127 17.00 9.68 19.52
CA ARG A 127 15.79 10.07 18.74
C ARG A 127 14.56 9.42 19.38
N LEU A 128 13.45 10.14 19.42
CA LEU A 128 12.15 9.51 19.75
C LEU A 128 11.87 8.41 18.72
N SER A 129 11.50 7.21 19.19
CA SER A 129 11.42 5.98 18.35
C SER A 129 10.03 5.33 18.50
N GLY A 130 9.48 4.84 17.38
CA GLY A 130 8.41 3.84 17.35
C GLY A 130 7.08 4.36 17.83
N ILE A 131 6.87 5.68 17.78
CA ILE A 131 5.58 6.32 18.14
C ILE A 131 4.58 6.01 17.03
N VAL A 132 3.36 5.64 17.41
CA VAL A 132 2.27 5.27 16.46
C VAL A 132 1.06 6.16 16.74
N PHE A 133 0.55 6.86 15.73
CA PHE A 133 -0.78 7.52 15.75
C PHE A 133 -1.67 6.76 14.76
N LYS A 134 -2.76 6.16 15.21
CA LYS A 134 -3.60 5.40 14.26
C LYS A 134 -5.08 5.52 14.58
N ASP A 135 -5.90 5.54 13.52
CA ASP A 135 -7.35 5.23 13.58
C ASP A 135 -8.08 6.23 14.47
N PHE A 136 -7.70 7.51 14.48
CA PHE A 136 -8.55 8.54 15.10
C PHE A 136 -8.59 9.79 14.24
N CYS A 137 -9.44 10.71 14.68
CA CYS A 137 -9.81 11.92 13.91
C CYS A 137 -9.29 13.16 14.63
N LEU A 138 -8.56 14.02 13.92
CA LEU A 138 -8.15 15.34 14.43
C LEU A 138 -8.89 16.39 13.58
N ASP A 139 -9.78 17.11 14.26
CA ASP A 139 -10.77 18.04 13.65
C ASP A 139 -10.52 19.44 14.22
N GLY A 140 -10.15 20.39 13.36
CA GLY A 140 -9.90 21.80 13.76
C GLY A 140 -11.18 22.59 13.96
N VAL A 141 -12.33 22.00 13.62
CA VAL A 141 -13.72 22.47 13.97
C VAL A 141 -14.15 23.58 13.03
N SER A 142 -13.37 24.66 12.90
CA SER A 142 -13.73 25.81 12.04
C SER A 142 -12.50 26.47 11.44
N PHE A 143 -12.65 27.01 10.24
CA PHE A 143 -11.71 27.98 9.66
C PHE A 143 -12.33 29.35 9.90
N VAL A 144 -11.48 30.36 10.07
CA VAL A 144 -11.95 31.74 10.39
C VAL A 144 -11.37 32.70 9.35
N PRO A 145 -12.09 33.79 8.99
CA PRO A 145 -13.37 34.12 9.62
C PRO A 145 -14.58 33.36 9.09
N ASP A 146 -14.39 32.63 7.98
CA ASP A 146 -15.43 31.72 7.43
C ASP A 146 -14.76 30.40 7.05
N GLY A 147 -15.59 29.43 6.67
CA GLY A 147 -15.20 28.04 6.43
C GLY A 147 -14.22 27.90 5.29
N ASN A 148 -14.11 28.90 4.41
CA ASN A 148 -13.36 28.79 3.13
C ASN A 148 -11.98 29.45 3.23
N SER A 149 -11.54 29.86 4.42
CA SER A 149 -10.26 30.59 4.59
C SER A 149 -9.07 29.62 4.63
N TYR A 150 -9.31 28.36 5.04
CA TYR A 150 -8.24 27.37 5.37
C TYR A 150 -7.30 27.92 6.46
N LYS A 151 -7.78 28.84 7.30
CA LYS A 151 -6.95 29.49 8.34
C LYS A 151 -7.56 29.22 9.72
N ASN A 152 -6.76 28.74 10.67
CA ASN A 152 -7.15 28.74 12.11
C ASN A 152 -5.94 28.63 13.02
N GLY A 153 -4.73 28.52 12.46
CA GLY A 153 -3.46 28.45 13.23
C GLY A 153 -3.26 27.14 13.96
N LYS A 154 -4.14 26.14 13.78
CA LYS A 154 -4.06 24.83 14.49
C LYS A 154 -3.26 23.81 13.67
N THR A 155 -2.52 22.96 14.37
CA THR A 155 -1.79 21.79 13.82
C THR A 155 -2.35 20.55 14.51
N GLY A 156 -2.46 19.43 13.77
CA GLY A 156 -2.87 18.15 14.36
C GLY A 156 -1.73 17.54 15.15
N ILE A 157 -0.72 17.09 14.42
CA ILE A 157 0.49 16.40 14.97
C ILE A 157 1.71 17.15 14.45
N ASP A 158 2.55 17.65 15.37
CA ASP A 158 3.82 18.32 15.03
C ASP A 158 4.95 17.54 15.69
N VAL A 159 5.75 16.83 14.90
CA VAL A 159 6.98 16.14 15.37
C VAL A 159 8.14 17.12 15.17
N ALA A 160 8.66 17.66 16.28
CA ALA A 160 9.57 18.82 16.31
C ALA A 160 11.00 18.38 16.64
N SER A 161 11.25 17.12 16.99
CA SER A 161 12.64 16.64 17.23
C SER A 161 12.92 15.39 16.40
N ASP A 162 14.20 15.07 16.23
CA ASP A 162 14.66 13.97 15.35
C ASP A 162 14.00 12.67 15.82
N ASN A 163 13.54 11.87 14.87
CA ASN A 163 12.65 10.73 15.16
C ASN A 163 13.01 9.56 14.25
N ASP A 164 12.67 8.36 14.69
CA ASP A 164 12.96 7.11 13.95
C ASP A 164 11.73 6.20 14.03
N SER A 165 11.33 5.62 12.91
CA SER A 165 10.30 4.55 12.86
C SER A 165 8.97 5.04 13.44
N ILE A 166 8.59 6.28 13.19
CA ILE A 166 7.21 6.73 13.53
C ILE A 166 6.24 6.17 12.47
N HIS A 167 5.02 5.84 12.88
CA HIS A 167 3.99 5.24 11.99
C HIS A 167 2.69 6.01 12.18
N ILE A 168 2.20 6.63 11.12
CA ILE A 168 0.91 7.39 11.12
C ILE A 168 0.01 6.67 10.11
N THR A 169 -1.06 6.04 10.57
CA THR A 169 -1.89 5.18 9.70
C THR A 169 -3.36 5.22 10.14
N GLY A 170 -4.28 5.14 9.16
CA GLY A 170 -5.73 5.04 9.42
C GLY A 170 -6.30 6.27 10.09
N MET A 171 -5.60 7.41 9.98
CA MET A 171 -6.00 8.68 10.64
C MET A 171 -6.99 9.41 9.74
N GLY A 172 -7.77 10.31 10.35
CA GLY A 172 -8.53 11.36 9.66
C GLY A 172 -8.10 12.69 10.17
N PHE A 173 -7.76 13.61 9.28
CA PHE A 173 -7.44 15.01 9.59
C PHE A 173 -8.40 15.88 8.77
N VAL A 174 -9.06 16.83 9.44
CA VAL A 174 -10.01 17.74 8.76
C VAL A 174 -9.96 19.12 9.46
N TYR A 175 -10.00 20.16 8.67
CA TYR A 175 -10.18 21.58 9.10
C TYR A 175 -9.06 22.01 10.06
N LEU A 176 -7.84 21.54 9.81
CA LEU A 176 -6.62 22.02 10.50
C LEU A 176 -5.83 22.87 9.52
N GLU A 177 -5.24 23.98 9.97
CA GLU A 177 -4.36 24.76 9.05
C GLU A 177 -3.18 23.88 8.65
N HIS A 178 -2.67 23.07 9.59
CA HIS A 178 -1.60 22.05 9.36
C HIS A 178 -2.07 20.70 9.95
N ALA A 179 -2.25 19.67 9.13
CA ALA A 179 -2.60 18.33 9.62
C ALA A 179 -1.38 17.74 10.34
N LEU A 180 -0.31 17.50 9.61
CA LEU A 180 0.85 16.69 10.06
C LEU A 180 2.14 17.37 9.61
N ILE A 181 3.01 17.61 10.56
CA ILE A 181 4.40 18.13 10.33
C ILE A 181 5.34 17.14 11.00
N VAL A 182 6.32 16.64 10.26
CA VAL A 182 7.37 15.77 10.85
C VAL A 182 8.74 16.30 10.43
N ARG A 183 9.47 16.85 11.38
CA ARG A 183 10.83 17.40 11.17
C ARG A 183 11.88 16.31 11.46
N GLY A 184 12.83 16.12 10.54
CA GLY A 184 13.95 15.18 10.71
C GLY A 184 13.48 13.74 10.74
N ALA A 185 12.58 13.38 9.83
CA ALA A 185 11.98 12.04 9.73
C ALA A 185 13.01 11.02 9.23
N ASP A 186 13.16 9.96 10.02
CA ASP A 186 13.98 8.80 9.61
C ASP A 186 13.07 7.57 9.68
N ALA A 187 12.93 6.84 8.59
CA ALA A 187 12.12 5.60 8.51
C ALA A 187 10.69 5.89 8.98
N LEU A 188 10.14 7.05 8.61
CA LEU A 188 8.73 7.43 8.86
C LEU A 188 7.83 6.71 7.84
N ARG A 189 6.65 6.28 8.26
CA ARG A 189 5.61 5.78 7.34
C ARG A 189 4.36 6.62 7.59
N VAL A 190 3.91 7.32 6.57
CA VAL A 190 2.57 7.97 6.55
C VAL A 190 1.75 7.14 5.57
N HIS A 191 0.86 6.30 6.09
CA HIS A 191 0.24 5.19 5.34
C HIS A 191 -1.26 5.17 5.54
N ASP A 192 -2.03 5.19 4.45
CA ASP A 192 -3.47 4.86 4.48
C ASP A 192 -4.18 5.79 5.48
N ASN A 193 -3.99 7.09 5.30
CA ASN A 193 -4.69 8.16 6.05
C ASN A 193 -5.62 8.95 5.12
N MET A 194 -6.58 9.62 5.73
CA MET A 194 -7.49 10.58 5.08
C MET A 194 -7.09 11.96 5.60
N VAL A 195 -6.46 12.78 4.75
CA VAL A 195 -5.93 14.13 5.16
C VAL A 195 -6.51 15.16 4.18
N ALA A 196 -7.65 15.76 4.52
CA ALA A 196 -8.40 16.56 3.55
C ALA A 196 -9.04 17.78 4.21
N GLU A 197 -9.23 18.82 3.39
CA GLU A 197 -9.84 20.10 3.84
C GLU A 197 -8.99 20.64 5.00
N CYS A 198 -7.68 20.51 4.86
CA CYS A 198 -6.67 21.14 5.76
C CYS A 198 -5.92 22.18 4.92
N GLY A 199 -5.41 23.25 5.52
CA GLY A 199 -4.63 24.26 4.77
C GLY A 199 -3.39 23.62 4.18
N ASN A 200 -2.72 22.79 4.98
CA ASN A 200 -1.52 22.00 4.66
C ASN A 200 -1.75 20.57 5.16
N CYS A 201 -1.39 19.56 4.38
CA CYS A 201 -1.70 18.15 4.74
C CYS A 201 -0.52 17.49 5.45
N VAL A 202 0.60 17.32 4.76
CA VAL A 202 1.80 16.59 5.27
C VAL A 202 3.07 17.37 4.90
N GLU A 203 3.76 17.89 5.93
CA GLU A 203 5.00 18.69 5.78
C GLU A 203 6.15 17.89 6.38
N LEU A 204 7.05 17.37 5.55
CA LEU A 204 8.25 16.61 5.97
C LEU A 204 9.42 17.58 5.90
N THR A 205 9.74 18.24 7.02
CA THR A 205 10.59 19.46 7.09
C THR A 205 11.99 19.12 7.60
N GLY A 206 12.94 20.02 7.32
CA GLY A 206 14.30 19.98 7.85
C GLY A 206 15.16 19.10 6.98
N ALA A 207 14.99 17.80 7.13
CA ALA A 207 15.72 16.75 6.39
C ALA A 207 15.00 15.43 6.66
N GLY A 208 15.31 14.40 5.92
CA GLY A 208 14.76 13.07 6.28
C GLY A 208 15.43 12.01 5.47
N GLN A 209 15.18 10.76 5.85
CA GLN A 209 15.78 9.56 5.24
C GLN A 209 14.75 8.43 5.24
N ALA A 210 14.79 7.58 4.21
CA ALA A 210 14.16 6.25 4.20
C ALA A 210 12.67 6.33 4.60
N THR A 211 11.94 7.32 4.10
CA THR A 211 10.51 7.51 4.45
C THR A 211 9.62 6.95 3.33
N ILE A 212 8.41 6.50 3.70
CA ILE A 212 7.32 6.06 2.77
C ILE A 212 6.06 6.88 3.06
N VAL A 213 5.52 7.52 2.03
CA VAL A 213 4.18 8.17 2.05
C VAL A 213 3.35 7.37 1.05
N SER A 214 2.42 6.54 1.53
CA SER A 214 1.71 5.55 0.68
C SER A 214 0.22 5.46 1.00
N ASP A 215 -0.59 5.28 -0.05
CA ASP A 215 -2.00 4.83 0.03
C ASP A 215 -2.84 5.88 0.77
N ASN A 216 -2.43 7.15 0.74
CA ASN A 216 -3.20 8.25 1.39
C ASN A 216 -4.14 8.91 0.40
N LEU A 217 -5.22 9.47 0.96
CA LEU A 217 -6.13 10.44 0.29
C LEU A 217 -5.76 11.80 0.86
N MET A 218 -5.42 12.77 0.01
CA MET A 218 -4.97 14.10 0.51
C MET A 218 -5.53 15.23 -0.34
N GLY A 219 -6.04 16.26 0.32
CA GLY A 219 -6.51 17.50 -0.31
C GLY A 219 -6.30 18.69 0.60
N ALA A 220 -5.60 19.72 0.12
CA ALA A 220 -5.18 20.87 0.94
C ALA A 220 -5.94 22.13 0.52
N GLY A 221 -5.43 23.31 0.90
CA GLY A 221 -6.05 24.61 0.58
C GLY A 221 -5.10 25.45 -0.26
N PRO A 222 -5.62 26.50 -0.96
CA PRO A 222 -4.89 27.18 -2.03
C PRO A 222 -3.60 27.91 -1.63
N GLU A 223 -3.41 28.16 -0.32
CA GLU A 223 -2.20 28.82 0.23
C GLU A 223 -1.22 27.79 0.78
N GLY A 224 -1.60 26.51 0.83
CA GLY A 224 -0.82 25.49 1.54
C GLY A 224 -0.34 24.37 0.62
N VAL A 225 0.38 23.42 1.20
CA VAL A 225 0.97 22.26 0.48
C VAL A 225 0.13 21.03 0.80
N THR A 226 0.09 20.09 -0.14
CA THR A 226 -0.50 18.76 0.10
C THR A 226 0.60 17.93 0.74
N LEU A 227 1.55 17.45 -0.06
CA LEU A 227 2.78 16.84 0.47
C LEU A 227 3.93 17.81 0.21
N LEU A 228 4.65 18.16 1.27
CA LEU A 228 5.92 18.92 1.18
C LEU A 228 7.03 18.05 1.77
N ALA A 229 8.19 18.04 1.12
CA ALA A 229 9.42 17.43 1.70
C ALA A 229 10.59 18.39 1.51
N GLU A 230 11.36 18.60 2.57
CA GLU A 230 12.56 19.47 2.55
C GLU A 230 13.80 18.59 2.77
N ASN A 231 14.72 18.58 1.81
CA ASN A 231 16.05 17.95 1.94
C ASN A 231 15.88 16.49 2.35
N HIS A 232 14.91 15.82 1.76
CA HIS A 232 14.71 14.37 1.97
C HIS A 232 15.65 13.61 1.03
N GLU A 233 16.11 12.44 1.50
CA GLU A 233 16.90 11.48 0.70
C GLU A 233 16.14 10.15 0.75
N GLY A 234 15.85 9.54 -0.40
CA GLY A 234 15.23 8.20 -0.47
C GLY A 234 13.81 8.21 0.08
N LEU A 235 13.12 9.35 -0.01
CA LEU A 235 11.64 9.39 0.18
C LEU A 235 10.96 8.64 -0.97
N LEU A 236 10.03 7.75 -0.64
CA LEU A 236 9.16 7.04 -1.62
C LEU A 236 7.71 7.50 -1.40
N VAL A 237 7.12 8.05 -2.46
CA VAL A 237 5.72 8.55 -2.50
C VAL A 237 5.00 7.66 -3.51
N THR A 238 4.09 6.82 -3.05
CA THR A 238 3.48 5.81 -3.95
C THR A 238 2.06 5.51 -3.52
N GLY A 239 1.18 5.22 -4.47
CA GLY A 239 -0.17 4.72 -4.18
C GLY A 239 -1.08 5.79 -3.62
N ASN A 240 -0.73 7.07 -3.74
CA ASN A 240 -1.52 8.14 -3.10
C ASN A 240 -2.49 8.73 -4.12
N ASN A 241 -3.61 9.24 -3.61
CA ASN A 241 -4.63 9.96 -4.40
C ASN A 241 -4.67 11.39 -3.87
N PHE A 242 -3.94 12.27 -4.54
CA PHE A 242 -3.83 13.73 -4.27
C PHE A 242 -4.89 14.44 -5.11
N PHE A 243 -5.81 15.16 -4.46
CA PHE A 243 -6.87 15.94 -5.12
C PHE A 243 -6.77 17.39 -4.63
N PRO A 244 -7.57 18.32 -5.20
CA PRO A 244 -7.46 19.74 -4.85
C PRO A 244 -7.76 20.03 -3.37
N ARG A 245 -7.37 21.21 -2.88
CA ARG A 245 -7.00 22.38 -3.68
C ARG A 245 -5.76 23.07 -3.09
N GLY A 246 -4.72 22.31 -2.82
CA GLY A 246 -3.43 22.88 -2.38
C GLY A 246 -2.85 23.78 -3.44
N ARG A 247 -1.95 24.69 -3.05
CA ARG A 247 -1.15 25.50 -3.99
C ARG A 247 -0.43 24.51 -4.92
N SER A 248 -0.02 23.36 -4.37
CA SER A 248 0.68 22.26 -5.07
C SER A 248 0.18 20.94 -4.47
N LEU A 249 0.41 19.82 -5.15
CA LEU A 249 0.06 18.48 -4.65
C LEU A 249 1.34 17.81 -4.13
N LEU A 250 2.45 18.03 -4.83
CA LEU A 250 3.77 17.51 -4.39
C LEU A 250 4.81 18.59 -4.59
N GLU A 251 5.45 19.00 -3.51
CA GLU A 251 6.47 20.05 -3.49
C GLU A 251 7.70 19.48 -2.79
N PHE A 252 8.78 19.33 -3.54
CA PHE A 252 10.10 18.90 -3.04
C PHE A 252 11.00 20.13 -3.05
N THR A 253 11.70 20.40 -1.96
CA THR A 253 12.75 21.44 -1.98
C THR A 253 14.07 20.80 -1.55
N GLY A 254 15.04 20.77 -2.46
CA GLY A 254 16.36 20.19 -2.16
C GLY A 254 16.28 18.71 -1.84
N CYS A 255 15.30 18.00 -2.38
CA CYS A 255 15.17 16.53 -2.25
C CYS A 255 15.98 15.84 -3.34
N ASN A 256 16.72 14.81 -2.93
CA ASN A 256 17.62 14.06 -3.84
C ASN A 256 17.32 12.57 -3.75
N ARG A 257 17.36 11.89 -4.89
CA ARG A 257 17.33 10.41 -4.93
C ARG A 257 16.03 9.96 -4.24
N CYS A 258 14.92 10.63 -4.55
CA CYS A 258 13.55 10.28 -4.08
C CYS A 258 12.76 9.75 -5.27
N SER A 259 11.62 9.12 -5.00
CA SER A 259 10.79 8.45 -6.02
C SER A 259 9.33 8.78 -5.78
N VAL A 260 8.67 9.23 -6.86
CA VAL A 260 7.23 9.56 -6.87
C VAL A 260 6.62 8.69 -7.98
N THR A 261 5.95 7.62 -7.59
CA THR A 261 5.53 6.60 -8.58
C THR A 261 4.16 6.07 -8.20
N SER A 262 3.31 5.77 -9.21
CA SER A 262 2.00 5.08 -9.06
C SER A 262 1.06 5.90 -8.18
N ASN A 263 1.00 7.22 -8.42
CA ASN A 263 0.06 8.11 -7.72
C ASN A 263 -0.95 8.66 -8.72
N ARG A 264 -2.04 9.21 -8.19
CA ARG A 264 -3.06 9.98 -8.93
C ARG A 264 -2.98 11.42 -8.42
N PHE A 265 -2.79 12.37 -9.34
CA PHE A 265 -2.71 13.82 -9.05
C PHE A 265 -3.81 14.59 -9.80
N GLN A 266 -4.69 15.25 -9.07
CA GLN A 266 -5.72 16.15 -9.66
C GLN A 266 -5.58 17.52 -9.01
N GLY A 267 -5.28 18.56 -9.79
CA GLY A 267 -5.20 19.93 -9.28
C GLY A 267 -6.00 20.91 -10.12
N PHE A 268 -6.31 22.08 -9.56
CA PHE A 268 -7.11 23.13 -10.22
C PHE A 268 -6.23 24.35 -10.57
N TYR A 269 -4.94 24.29 -10.26
CA TYR A 269 -3.98 25.40 -10.47
C TYR A 269 -2.70 24.88 -11.13
N PRO A 270 -1.94 25.79 -11.79
CA PRO A 270 -0.60 25.44 -12.24
C PRO A 270 0.28 25.04 -11.05
N GLY A 271 1.40 24.37 -11.32
CA GLY A 271 2.39 23.99 -10.31
C GLY A 271 1.87 22.90 -9.39
N MET A 272 1.18 21.90 -9.91
CA MET A 272 0.73 20.72 -9.12
C MET A 272 1.94 19.97 -8.55
N MET A 273 3.01 19.83 -9.32
CA MET A 273 4.25 19.19 -8.82
C MET A 273 5.42 20.16 -9.01
N ARG A 274 6.16 20.40 -7.93
CA ARG A 274 7.29 21.36 -7.90
C ARG A 274 8.50 20.61 -7.34
N LEU A 275 9.57 20.50 -8.14
CA LEU A 275 10.90 20.03 -7.70
C LEU A 275 11.79 21.28 -7.71
N LEU A 276 11.98 21.89 -6.54
CA LEU A 276 12.52 23.27 -6.39
C LEU A 276 13.92 23.21 -5.77
N ASN A 277 14.72 24.22 -6.09
CA ASN A 277 15.97 24.53 -5.35
C ASN A 277 16.94 23.35 -5.42
N GLY A 278 17.15 22.81 -6.62
CA GLY A 278 18.26 21.88 -6.91
C GLY A 278 17.95 20.42 -6.58
N CYS A 279 16.68 20.01 -6.66
CA CYS A 279 16.28 18.57 -6.55
C CYS A 279 17.04 17.72 -7.58
N LYS A 280 17.77 16.69 -7.15
CA LYS A 280 18.58 15.85 -8.07
C LYS A 280 18.15 14.38 -8.08
N GLU A 281 18.23 13.72 -9.24
CA GLU A 281 18.26 12.24 -9.34
C GLU A 281 16.96 11.65 -8.78
N ASN A 282 15.84 12.32 -9.03
CA ASN A 282 14.50 11.84 -8.58
C ASN A 282 13.80 11.16 -9.75
N LEU A 283 13.05 10.12 -9.42
CA LEU A 283 12.21 9.38 -10.38
C LEU A 283 10.78 9.87 -10.24
N ILE A 284 10.21 10.36 -11.33
CA ILE A 284 8.78 10.77 -11.39
C ILE A 284 8.15 9.96 -12.50
N THR A 285 7.53 8.82 -12.18
CA THR A 285 7.13 7.83 -13.20
C THR A 285 5.82 7.17 -12.81
N SER A 286 5.04 6.76 -13.83
CA SER A 286 3.82 5.95 -13.71
C SER A 286 2.80 6.71 -12.86
N ASN A 287 2.72 8.03 -13.05
CA ASN A 287 1.76 8.89 -12.33
C ASN A 287 0.68 9.37 -13.29
N HIS A 288 -0.54 9.54 -12.80
CA HIS A 288 -1.64 10.20 -13.55
C HIS A 288 -1.77 11.64 -13.07
N PHE A 289 -1.57 12.61 -13.96
CA PHE A 289 -1.74 14.07 -13.68
C PHE A 289 -3.00 14.58 -14.40
N ARG A 290 -3.90 15.22 -13.66
CA ARG A 290 -5.11 15.86 -14.23
C ARG A 290 -5.11 17.32 -13.79
N ARG A 291 -4.90 18.23 -14.74
CA ARG A 291 -5.06 19.69 -14.48
C ARG A 291 -6.46 20.09 -14.97
N GLY A 292 -7.32 20.54 -14.05
CA GLY A 292 -8.70 20.95 -14.34
C GLY A 292 -8.96 22.34 -13.83
N THR A 293 -10.23 22.74 -13.75
CA THR A 293 -10.66 24.00 -13.10
C THR A 293 -11.67 23.71 -11.99
N GLU A 294 -11.70 24.60 -11.01
CA GLU A 294 -12.58 24.48 -9.82
C GLU A 294 -14.02 24.37 -10.29
N GLY A 295 -14.74 23.36 -9.80
CA GLY A 295 -16.16 23.12 -10.07
C GLY A 295 -17.06 23.42 -8.86
N PHE A 296 -16.51 23.55 -7.66
CA PHE A 296 -17.31 23.80 -6.44
C PHE A 296 -17.47 25.30 -6.27
N PRO A 297 -18.69 25.86 -6.50
CA PRO A 297 -18.92 27.30 -6.59
C PRO A 297 -18.19 28.20 -5.59
N PRO A 298 -18.19 27.88 -4.27
CA PRO A 298 -17.51 28.73 -3.28
C PRO A 298 -16.02 29.04 -3.56
N PHE A 299 -15.34 28.22 -4.38
CA PHE A 299 -13.89 28.36 -4.61
C PHE A 299 -13.60 28.74 -6.09
N ILE A 300 -14.61 29.03 -6.90
CA ILE A 300 -14.44 29.21 -8.38
C ILE A 300 -13.35 30.26 -8.64
N ASP A 301 -13.34 31.35 -7.89
CA ASP A 301 -12.47 32.50 -8.23
C ASP A 301 -11.14 32.38 -7.48
N ARG A 302 -10.92 31.34 -6.68
CA ARG A 302 -9.65 31.16 -5.91
C ARG A 302 -8.54 30.70 -6.84
N THR A 303 -7.31 31.16 -6.58
CA THR A 303 -6.09 30.81 -7.34
C THR A 303 -4.92 30.66 -6.38
N ASN A 304 -3.82 30.07 -6.86
CA ASN A 304 -2.53 30.01 -6.15
C ASN A 304 -1.56 31.07 -6.70
N GLY A 305 -2.03 31.93 -7.60
CA GLY A 305 -1.30 33.10 -8.11
C GLY A 305 -0.32 32.77 -9.22
N LEU A 306 -0.22 31.52 -9.69
CA LEU A 306 0.75 31.15 -10.76
C LEU A 306 0.02 31.13 -12.10
N ASP A 307 0.78 31.27 -13.17
CA ASP A 307 0.25 31.30 -14.55
C ASP A 307 0.47 29.90 -15.18
N ASP A 308 -0.12 29.68 -16.34
CA ASP A 308 -0.15 28.35 -17.03
C ASP A 308 1.17 28.05 -17.73
N LEU A 309 2.15 28.96 -17.69
CA LEU A 309 3.53 28.72 -18.20
C LEU A 309 4.41 28.15 -17.07
N TYR A 310 3.93 28.11 -15.84
CA TYR A 310 4.69 27.60 -14.67
C TYR A 310 4.95 26.09 -14.83
N GLY A 311 3.99 25.37 -15.41
CA GLY A 311 4.04 23.90 -15.58
C GLY A 311 3.08 23.16 -14.66
N VAL A 312 2.57 22.03 -15.13
CA VAL A 312 1.91 21.01 -14.26
C VAL A 312 3.02 20.40 -13.39
N ILE A 313 4.12 20.03 -14.03
CA ILE A 313 5.43 19.77 -13.34
C ILE A 313 6.36 20.94 -13.63
N HIS A 314 6.96 21.45 -12.56
CA HIS A 314 8.00 22.51 -12.57
C HIS A 314 9.23 21.92 -11.89
N ALA A 315 10.32 21.72 -12.63
CA ALA A 315 11.53 21.05 -12.15
C ALA A 315 12.74 21.97 -12.30
N MET A 316 13.45 22.20 -11.20
CA MET A 316 14.72 22.94 -11.11
C MET A 316 15.75 22.05 -10.41
N GLY A 317 16.55 21.32 -11.17
CA GLY A 317 17.64 20.48 -10.63
C GLY A 317 18.16 19.51 -11.67
N ASP A 318 18.99 18.55 -11.26
CA ASP A 318 19.79 17.73 -12.21
C ASP A 318 19.25 16.30 -12.29
N ASN A 319 19.25 15.73 -13.50
CA ASN A 319 19.24 14.25 -13.67
C ASN A 319 17.98 13.63 -13.09
N ASN A 320 16.84 14.33 -13.16
CA ASN A 320 15.52 13.74 -12.85
C ASN A 320 15.02 12.96 -14.08
N LEU A 321 14.32 11.87 -13.82
CA LEU A 321 13.67 11.08 -14.90
C LEU A 321 12.18 11.27 -14.73
N ILE A 322 11.56 11.93 -15.70
CA ILE A 322 10.11 12.19 -15.71
C ILE A 322 9.56 11.37 -16.88
N SER A 323 9.05 10.17 -16.62
CA SER A 323 8.76 9.20 -17.69
C SER A 323 7.44 8.51 -17.42
N ASN A 324 6.82 8.03 -18.49
CA ASN A 324 5.69 7.10 -18.39
C ASN A 324 4.58 7.72 -17.54
N ASN A 325 4.28 9.01 -17.73
CA ASN A 325 3.17 9.69 -17.02
C ASN A 325 2.10 10.06 -18.04
N LEU A 326 0.86 10.19 -17.59
CA LEU A 326 -0.25 10.73 -18.42
C LEU A 326 -0.65 12.08 -17.83
N PHE A 327 -0.69 13.12 -18.68
CA PHE A 327 -1.18 14.48 -18.33
C PHE A 327 -2.48 14.75 -19.09
N ALA A 328 -3.58 14.98 -18.36
CA ALA A 328 -4.91 15.35 -18.90
C ALA A 328 -5.22 16.80 -18.48
N TYR A 329 -4.96 17.75 -19.37
CA TYR A 329 -5.11 19.20 -19.18
C TYR A 329 -6.45 19.66 -19.80
N ASP A 330 -7.37 20.14 -18.99
CA ASP A 330 -8.64 20.72 -19.49
C ASP A 330 -8.98 21.97 -18.68
N VAL A 331 -8.57 23.12 -19.22
CA VAL A 331 -8.81 24.45 -18.61
C VAL A 331 -9.48 25.32 -19.69
N PRO A 332 -10.72 25.81 -19.47
CA PRO A 332 -11.37 26.70 -20.43
C PRO A 332 -10.46 27.87 -20.80
N PRO A 333 -10.37 28.26 -22.09
CA PRO A 333 -9.55 29.41 -22.50
C PRO A 333 -9.70 30.66 -21.62
N GLY A 334 -10.94 30.93 -21.16
CA GLY A 334 -11.27 32.09 -20.31
C GLY A 334 -10.70 31.99 -18.91
N LYS A 335 -10.15 30.84 -18.50
CA LYS A 335 -9.54 30.60 -17.16
C LYS A 335 -8.01 30.43 -17.27
N ILE A 336 -7.44 30.43 -18.47
CA ILE A 336 -5.97 30.32 -18.71
C ILE A 336 -5.32 31.66 -18.37
N ALA A 337 -4.16 31.66 -17.72
CA ALA A 337 -3.38 32.85 -17.34
C ALA A 337 -1.98 32.78 -17.93
N PRO A 338 -1.52 33.84 -18.66
CA PRO A 338 -2.39 34.92 -19.11
C PRO A 338 -3.31 34.47 -20.25
N ALA A 339 -4.38 35.25 -20.49
CA ALA A 339 -5.33 35.02 -21.59
C ALA A 339 -4.54 34.83 -22.89
N GLY A 340 -4.86 33.76 -23.64
CA GLY A 340 -4.31 33.49 -24.98
C GLY A 340 -2.96 32.82 -24.93
N ALA A 341 -2.44 32.52 -23.74
CA ALA A 341 -1.12 31.88 -23.61
C ALA A 341 -1.27 30.39 -23.93
N GLN A 342 -0.20 29.78 -24.41
CA GLN A 342 -0.09 28.32 -24.64
C GLN A 342 0.40 27.70 -23.34
N PRO A 343 -0.42 26.92 -22.61
CA PRO A 343 0.04 26.30 -21.37
C PRO A 343 1.23 25.36 -21.59
N THR A 344 2.06 25.26 -20.56
CA THR A 344 3.24 24.35 -20.46
C THR A 344 2.86 23.20 -19.53
N ILE A 345 3.07 21.95 -19.95
CA ILE A 345 2.77 20.76 -19.11
C ILE A 345 3.97 20.48 -18.19
N MET A 346 5.14 20.23 -18.78
CA MET A 346 6.41 19.98 -18.06
C MET A 346 7.41 21.10 -18.38
N LEU A 347 7.81 21.86 -17.36
CA LEU A 347 8.83 22.93 -17.48
C LEU A 347 10.09 22.46 -16.78
N ILE A 348 11.17 22.31 -17.53
CA ILE A 348 12.55 22.20 -16.96
C ILE A 348 13.04 23.64 -16.79
N ALA A 349 12.93 24.18 -15.59
CA ALA A 349 13.24 25.60 -15.29
C ALA A 349 14.75 25.78 -15.24
N GLY A 350 15.49 24.69 -15.02
CA GLY A 350 16.96 24.68 -15.01
C GLY A 350 17.51 23.34 -14.58
N GLY A 351 18.82 23.18 -14.76
CA GLY A 351 19.58 22.01 -14.33
C GLY A 351 20.10 21.19 -15.51
N ASP A 352 20.81 20.13 -15.15
CA ASP A 352 21.67 19.32 -16.06
C ASP A 352 21.18 17.87 -16.08
N GLY A 353 21.01 17.31 -17.27
CA GLY A 353 20.85 15.86 -17.48
C GLY A 353 19.42 15.39 -17.30
N ASN A 354 18.41 16.27 -17.18
CA ASN A 354 17.01 15.82 -16.99
C ASN A 354 16.56 15.04 -18.23
N VAL A 355 15.83 13.95 -18.00
CA VAL A 355 15.30 13.09 -19.09
C VAL A 355 13.78 13.05 -18.97
N ILE A 356 13.10 13.35 -20.07
CA ILE A 356 11.62 13.32 -20.16
C ILE A 356 11.29 12.33 -21.26
N ALA A 357 10.57 11.25 -20.91
CA ALA A 357 10.45 10.06 -21.78
C ALA A 357 9.07 9.43 -21.64
N THR A 358 8.42 9.19 -22.78
CA THR A 358 7.22 8.35 -22.90
C THR A 358 6.10 8.94 -22.05
N ASN A 359 5.82 10.23 -22.24
CA ASN A 359 4.73 10.91 -21.53
C ASN A 359 3.59 11.16 -22.53
N HIS A 360 2.36 10.84 -22.15
CA HIS A 360 1.18 11.13 -23.01
C HIS A 360 0.45 12.35 -22.45
N VAL A 361 0.34 13.39 -23.27
CA VAL A 361 -0.38 14.65 -22.91
C VAL A 361 -1.66 14.74 -23.74
N ILE A 362 -2.79 14.99 -23.07
CA ILE A 362 -4.07 15.47 -23.68
C ILE A 362 -4.26 16.91 -23.19
N SER A 363 -4.58 17.84 -24.10
CA SER A 363 -4.95 19.22 -23.71
C SER A 363 -6.08 19.72 -24.61
N ASN A 364 -6.99 20.51 -24.03
CA ASN A 364 -8.20 21.04 -24.71
C ASN A 364 -7.80 22.21 -25.61
N VAL A 365 -6.68 22.86 -25.32
CA VAL A 365 -6.06 23.90 -26.19
C VAL A 365 -4.68 23.39 -26.62
N ASP A 366 -4.05 24.08 -27.55
CA ASP A 366 -2.63 23.81 -27.92
C ASP A 366 -1.77 24.06 -26.68
N THR A 367 -0.90 23.11 -26.36
CA THR A 367 0.07 23.25 -25.25
C THR A 367 1.47 22.86 -25.70
N GLN A 368 2.46 23.39 -25.00
CA GLN A 368 3.84 22.86 -25.05
C GLN A 368 3.90 21.75 -24.00
N HIS A 369 4.07 20.52 -24.46
CA HIS A 369 4.17 19.31 -23.61
C HIS A 369 5.40 19.47 -22.71
N VAL A 370 6.48 19.98 -23.29
CA VAL A 370 7.77 20.15 -22.58
C VAL A 370 8.38 21.49 -23.02
N VAL A 371 8.75 22.31 -22.03
CA VAL A 371 9.57 23.54 -22.26
C VAL A 371 10.84 23.36 -21.44
N LEU A 372 11.99 23.59 -22.07
CA LEU A 372 13.30 23.61 -21.38
C LEU A 372 13.83 25.04 -21.42
N ASP A 373 14.04 25.59 -20.24
CA ASP A 373 14.68 26.91 -20.03
C ASP A 373 16.00 26.95 -20.80
N GLY A 374 16.40 28.16 -21.20
CA GLY A 374 17.68 28.40 -21.89
C GLY A 374 18.86 27.93 -21.06
N SER A 375 18.74 27.91 -19.73
CA SER A 375 19.82 27.52 -18.78
C SER A 375 20.00 25.98 -18.70
N ALA A 376 19.04 25.19 -19.19
CA ALA A 376 19.06 23.71 -19.08
C ALA A 376 20.23 23.15 -19.89
N THR A 377 20.90 22.10 -19.42
CA THR A 377 22.05 21.46 -20.12
C THR A 377 21.81 19.95 -20.22
N ARG A 378 22.18 19.35 -21.36
CA ARG A 378 22.30 17.89 -21.57
C ARG A 378 20.95 17.22 -21.28
N SER A 379 19.85 17.88 -21.64
CA SER A 379 18.47 17.39 -21.48
C SER A 379 18.14 16.39 -22.60
N LYS A 380 17.27 15.43 -22.31
CA LYS A 380 16.74 14.45 -23.30
C LYS A 380 15.22 14.55 -23.26
N VAL A 381 14.59 14.70 -24.42
CA VAL A 381 13.11 14.59 -24.54
C VAL A 381 12.83 13.52 -25.58
N LEU A 382 12.18 12.45 -25.13
CA LEU A 382 11.84 11.26 -25.95
C LEU A 382 10.35 11.01 -25.89
N ASP A 383 9.70 10.95 -27.03
CA ASP A 383 8.34 10.37 -27.16
C ASP A 383 7.38 11.02 -26.16
N SER A 384 7.45 12.35 -26.00
CA SER A 384 6.59 13.10 -25.06
C SER A 384 5.82 14.19 -25.81
N GLY A 385 5.64 14.00 -27.12
CA GLY A 385 4.86 14.87 -28.01
C GLY A 385 5.50 15.04 -29.38
N ALA A 386 4.71 15.46 -30.38
CA ALA A 386 5.22 15.91 -31.70
C ALA A 386 6.20 17.08 -31.50
N ALA A 387 7.04 17.36 -32.50
CA ALA A 387 8.09 18.40 -32.45
C ALA A 387 7.48 19.76 -32.09
N SER A 388 6.26 20.03 -32.55
CA SER A 388 5.55 21.33 -32.39
C SER A 388 5.09 21.52 -30.94
N THR A 389 5.13 20.46 -30.12
CA THR A 389 4.75 20.50 -28.68
C THR A 389 5.99 20.52 -27.77
N ILE A 390 7.21 20.40 -28.31
CA ILE A 390 8.45 20.49 -27.49
C ILE A 390 9.16 21.80 -27.82
N THR A 391 9.46 22.63 -26.83
CA THR A 391 10.26 23.86 -27.02
C THR A 391 11.51 23.78 -26.15
N SER A 392 12.70 23.72 -26.76
CA SER A 392 13.99 23.84 -26.05
C SER A 392 14.58 25.19 -26.36
N TYR A 393 14.68 26.06 -25.36
CA TYR A 393 15.46 27.31 -25.49
C TYR A 393 16.93 27.00 -25.26
N SER A 394 17.23 25.84 -24.67
CA SER A 394 18.61 25.36 -24.53
C SER A 394 19.04 24.79 -25.88
N PRO A 395 20.25 25.11 -26.36
CA PRO A 395 20.71 24.60 -27.65
C PRO A 395 21.17 23.13 -27.61
N ASP A 396 21.32 22.51 -26.44
CA ASP A 396 22.01 21.18 -26.40
C ASP A 396 21.00 20.07 -26.07
N THR A 397 19.69 20.34 -26.14
CA THR A 397 18.64 19.35 -25.83
C THR A 397 18.51 18.38 -27.01
N ALA A 398 18.53 17.06 -26.76
CA ALA A 398 18.24 16.02 -27.76
C ALA A 398 16.74 15.68 -27.68
N ILE A 399 16.02 15.85 -28.78
CA ILE A 399 14.54 15.66 -28.85
C ILE A 399 14.26 14.55 -29.87
N ARG A 400 13.54 13.53 -29.46
CA ARG A 400 12.89 12.58 -30.38
C ARG A 400 11.39 12.82 -30.29
N PRO A 401 10.78 13.34 -31.37
CA PRO A 401 9.33 13.55 -31.40
C PRO A 401 8.64 12.19 -31.37
N THR A 402 7.46 12.14 -30.76
CA THR A 402 6.53 11.00 -30.90
C THR A 402 6.30 10.80 -32.39
N PRO A 403 6.48 9.57 -32.92
CA PRO A 403 6.28 9.27 -34.34
C PRO A 403 4.99 9.80 -34.98
N PRO B 1 -16.76 -3.22 28.50
CA PRO B 1 -15.46 -3.57 27.88
C PRO B 1 -14.47 -2.40 28.00
N LEU B 2 -14.79 -1.26 27.38
CA LEU B 2 -14.14 0.05 27.62
C LEU B 2 -15.17 0.94 28.33
N ASN B 3 -14.77 2.05 28.94
CA ASN B 3 -15.71 2.89 29.75
C ASN B 3 -16.46 3.86 28.83
N SER B 4 -16.81 3.44 27.62
CA SER B 4 -17.56 4.24 26.62
C SER B 4 -18.79 3.46 26.20
N PRO B 5 -19.97 4.10 26.10
CA PRO B 5 -21.15 3.42 25.58
C PRO B 5 -21.08 3.16 24.06
N ASN B 6 -20.05 3.69 23.39
CA ASN B 6 -19.89 3.59 21.91
C ASN B 6 -18.97 2.40 21.56
N VAL B 7 -18.72 1.49 22.51
CA VAL B 7 -17.92 0.26 22.25
C VAL B 7 -18.80 -0.94 22.58
N TYR B 8 -19.07 -1.76 21.58
CA TYR B 8 -19.97 -2.93 21.70
C TYR B 8 -19.20 -4.21 21.40
N ASP B 9 -19.35 -5.19 22.29
CA ASP B 9 -18.87 -6.58 22.09
C ASP B 9 -20.09 -7.42 21.69
N VAL B 10 -20.15 -7.90 20.44
CA VAL B 10 -21.37 -8.61 19.95
C VAL B 10 -21.63 -9.84 20.83
N THR B 11 -20.62 -10.40 21.50
CA THR B 11 -20.81 -11.63 22.33
C THR B 11 -21.35 -11.28 23.72
N ALA B 12 -21.36 -9.99 24.12
CA ALA B 12 -21.86 -9.52 25.42
C ALA B 12 -23.26 -8.88 25.28
N TRP B 13 -23.70 -8.58 24.06
CA TRP B 13 -24.94 -7.78 23.87
C TRP B 13 -26.18 -8.68 24.00
N ARG B 14 -27.12 -8.30 24.86
CA ARG B 14 -28.41 -9.02 25.03
C ARG B 14 -29.51 -8.17 24.39
N ILE B 15 -30.33 -8.77 23.55
CA ILE B 15 -31.52 -8.12 22.92
C ILE B 15 -32.68 -8.20 23.92
N LYS B 16 -33.12 -7.06 24.44
CA LYS B 16 -34.28 -7.00 25.36
C LYS B 16 -35.47 -7.70 24.69
N GLY B 17 -36.11 -8.65 25.37
CA GLY B 17 -37.30 -9.36 24.89
C GLY B 17 -36.97 -10.62 24.13
N GLN B 18 -35.75 -10.72 23.57
CA GLN B 18 -35.31 -11.90 22.78
C GLN B 18 -34.07 -12.50 23.42
N PRO B 19 -34.17 -13.03 24.67
CA PRO B 19 -33.00 -13.48 25.43
C PRO B 19 -32.29 -14.71 24.83
N LYS B 20 -32.90 -15.40 23.86
CA LYS B 20 -32.34 -16.61 23.20
C LYS B 20 -31.52 -16.23 21.96
N VAL B 21 -31.63 -15.00 21.45
CA VAL B 21 -30.84 -14.55 20.27
C VAL B 21 -29.43 -14.20 20.78
N THR B 22 -28.42 -14.87 20.25
CA THR B 22 -26.99 -14.63 20.53
C THR B 22 -26.30 -14.24 19.24
N ALA B 23 -25.08 -13.71 19.30
CA ALA B 23 -24.24 -13.46 18.10
C ALA B 23 -24.11 -14.77 17.32
N GLU B 24 -23.99 -15.91 18.01
CA GLU B 24 -23.85 -17.25 17.36
C GLU B 24 -25.12 -17.58 16.56
N SER B 25 -26.31 -17.33 17.11
CA SER B 25 -27.61 -17.72 16.47
C SER B 25 -27.99 -16.73 15.37
N ASP B 26 -27.80 -15.42 15.55
CA ASP B 26 -28.14 -14.41 14.52
C ASP B 26 -27.44 -13.09 14.84
N ILE B 27 -26.19 -12.97 14.42
CA ILE B 27 -25.37 -11.75 14.68
C ILE B 27 -26.01 -10.54 13.97
N GLY B 28 -26.79 -10.80 12.92
CA GLY B 28 -27.53 -9.75 12.19
C GLY B 28 -28.49 -9.06 13.13
N ALA B 29 -29.25 -9.84 13.89
CA ALA B 29 -30.23 -9.33 14.88
C ALA B 29 -29.48 -8.59 16.00
N VAL B 30 -28.35 -9.12 16.46
CA VAL B 30 -27.58 -8.48 17.57
C VAL B 30 -27.06 -7.12 17.09
N ILE B 31 -26.47 -7.07 15.90
CA ILE B 31 -25.88 -5.79 15.38
C ILE B 31 -27.01 -4.79 15.08
N ASN B 32 -28.17 -5.22 14.58
CA ASN B 32 -29.29 -4.26 14.36
C ASN B 32 -29.73 -3.69 15.71
N ASP B 33 -29.75 -4.50 16.76
CA ASP B 33 -30.16 -4.03 18.11
C ASP B 33 -29.13 -3.06 18.66
N ILE B 34 -27.84 -3.32 18.43
CA ILE B 34 -26.72 -2.39 18.79
C ILE B 34 -26.93 -1.06 18.06
N ILE B 35 -27.26 -1.09 16.76
CA ILE B 35 -27.44 0.14 15.95
C ILE B 35 -28.65 0.92 16.51
N ALA B 36 -29.71 0.24 16.93
CA ALA B 36 -30.88 0.86 17.58
C ALA B 36 -30.41 1.57 18.86
N ASP B 37 -29.50 0.95 19.62
CA ASP B 37 -28.97 1.53 20.86
C ASP B 37 -28.16 2.79 20.55
N ILE B 38 -27.33 2.75 19.49
CA ILE B 38 -26.57 3.93 19.01
C ILE B 38 -27.58 5.05 18.69
N LYS B 39 -28.64 4.75 17.95
CA LYS B 39 -29.59 5.78 17.47
C LYS B 39 -30.35 6.36 18.67
N LYS B 40 -30.60 5.54 19.70
CA LYS B 40 -31.27 6.01 20.93
C LYS B 40 -30.39 7.07 21.59
N ARG B 41 -29.11 6.77 21.80
CA ARG B 41 -28.17 7.67 22.54
C ARG B 41 -27.71 8.85 21.67
N GLN B 42 -27.49 8.65 20.37
CA GLN B 42 -26.92 9.67 19.45
C GLN B 42 -28.04 10.24 18.57
N SER B 43 -28.71 11.30 19.03
CA SER B 43 -30.07 11.66 18.54
C SER B 43 -30.11 13.08 17.96
N THR B 44 -28.96 13.75 17.81
CA THR B 44 -28.89 15.06 17.12
C THR B 44 -27.73 15.04 16.13
N PRO B 45 -27.74 15.95 15.12
CA PRO B 45 -26.67 16.02 14.14
C PRO B 45 -25.33 16.50 14.71
N GLU B 46 -25.27 16.90 15.98
CA GLU B 46 -24.00 17.30 16.65
C GLU B 46 -23.64 16.29 17.74
N THR B 47 -24.35 15.16 17.86
CA THR B 47 -24.09 14.13 18.91
C THR B 47 -24.05 12.72 18.28
N ARG B 48 -23.54 12.60 17.04
CA ARG B 48 -23.52 11.31 16.28
C ARG B 48 -22.10 10.95 15.84
N PRO B 49 -21.17 10.71 16.79
CA PRO B 49 -19.82 10.26 16.48
C PRO B 49 -19.72 8.79 16.07
N GLY B 50 -20.80 8.03 16.26
CA GLY B 50 -20.83 6.61 15.87
C GLY B 50 -20.27 5.73 16.95
N ALA B 51 -19.72 4.60 16.56
CA ALA B 51 -19.48 3.48 17.50
C ALA B 51 -18.63 2.41 16.85
N VAL B 52 -18.08 1.52 17.67
CA VAL B 52 -17.34 0.35 17.16
C VAL B 52 -18.06 -0.91 17.68
N VAL B 53 -18.29 -1.85 16.76
CA VAL B 53 -18.87 -3.18 17.04
C VAL B 53 -17.73 -4.17 16.90
N ILE B 54 -17.34 -4.79 18.02
CA ILE B 54 -16.21 -5.74 18.06
C ILE B 54 -16.76 -7.16 17.91
N ILE B 55 -16.18 -7.91 16.98
CA ILE B 55 -16.54 -9.33 16.68
C ILE B 55 -15.35 -10.19 17.07
N PRO B 56 -15.39 -10.82 18.27
CA PRO B 56 -14.33 -11.75 18.67
C PRO B 56 -14.22 -12.90 17.67
N PRO B 57 -13.08 -13.60 17.58
CA PRO B 57 -12.99 -14.80 16.73
C PRO B 57 -14.07 -15.80 17.19
N GLY B 58 -14.73 -16.44 16.23
CA GLY B 58 -15.81 -17.40 16.48
C GLY B 58 -16.61 -17.64 15.22
N ASP B 59 -17.55 -18.57 15.28
CA ASP B 59 -18.50 -18.87 14.17
C ASP B 59 -19.84 -18.21 14.52
N TYR B 60 -20.33 -17.31 13.66
CA TYR B 60 -21.57 -16.55 13.87
C TYR B 60 -22.47 -16.77 12.64
N ASP B 61 -23.73 -17.16 12.85
CA ASP B 61 -24.73 -17.20 11.75
C ASP B 61 -25.37 -15.81 11.63
N LEU B 62 -25.55 -15.32 10.40
CA LEU B 62 -26.33 -14.09 10.15
C LEU B 62 -27.55 -14.47 9.30
N HIS B 63 -28.74 -14.40 9.90
CA HIS B 63 -30.05 -14.65 9.22
C HIS B 63 -30.67 -13.31 8.82
N THR B 64 -30.52 -12.29 9.67
CA THR B 64 -31.16 -10.97 9.54
C THR B 64 -30.15 -10.00 8.90
N GLN B 65 -30.53 -9.38 7.80
CA GLN B 65 -29.76 -8.32 7.12
C GLN B 65 -29.50 -7.19 8.12
N VAL B 66 -28.26 -6.75 8.21
CA VAL B 66 -27.88 -5.54 9.00
C VAL B 66 -28.06 -4.33 8.10
N VAL B 67 -28.83 -3.34 8.56
CA VAL B 67 -28.97 -2.04 7.87
C VAL B 67 -28.05 -1.06 8.58
N VAL B 68 -27.01 -0.62 7.88
CA VAL B 68 -26.04 0.37 8.43
C VAL B 68 -26.42 1.74 7.90
N ASP B 69 -27.00 2.56 8.77
CA ASP B 69 -27.54 3.89 8.38
C ASP B 69 -26.99 4.95 9.33
N VAL B 70 -25.84 4.70 9.97
CA VAL B 70 -25.19 5.73 10.82
C VAL B 70 -23.77 5.95 10.33
N ASP B 71 -23.32 7.21 10.38
CA ASP B 71 -21.94 7.61 10.03
C ASP B 71 -20.97 7.05 11.08
N TYR B 72 -19.75 6.73 10.65
CA TYR B 72 -18.63 6.44 11.58
C TYR B 72 -18.98 5.20 12.40
N LEU B 73 -19.71 4.28 11.81
CA LEU B 73 -19.79 2.91 12.38
C LEU B 73 -18.54 2.16 11.94
N THR B 74 -17.80 1.60 12.91
CA THR B 74 -16.72 0.61 12.67
C THR B 74 -17.24 -0.78 13.05
N ILE B 75 -17.21 -1.73 12.13
CA ILE B 75 -17.43 -3.17 12.42
C ILE B 75 -16.06 -3.82 12.29
N ALA B 76 -15.53 -4.38 13.38
CA ALA B 76 -14.11 -4.79 13.48
C ALA B 76 -14.03 -6.16 14.15
N GLY B 77 -13.35 -7.10 13.49
CA GLY B 77 -13.03 -8.42 14.08
C GLY B 77 -11.53 -8.49 14.37
N PHE B 78 -10.98 -9.70 14.46
CA PHE B 78 -9.53 -9.89 14.75
C PHE B 78 -8.86 -10.75 13.68
N GLY B 79 -9.54 -11.05 12.58
CA GLY B 79 -8.96 -11.90 11.50
C GLY B 79 -9.89 -12.10 10.31
N HIS B 80 -9.29 -12.16 9.13
CA HIS B 80 -9.99 -12.32 7.83
C HIS B 80 -10.45 -13.76 7.61
N GLY B 81 -9.85 -14.72 8.32
CA GLY B 81 -10.31 -16.12 8.40
C GLY B 81 -10.42 -16.84 7.07
N PHE B 82 -9.70 -16.42 6.02
CA PHE B 82 -9.94 -17.00 4.67
C PHE B 82 -9.56 -18.50 4.65
N PHE B 83 -10.39 -19.27 3.95
CA PHE B 83 -10.26 -20.73 3.74
C PHE B 83 -10.79 -21.02 2.35
N SER B 84 -10.05 -21.79 1.54
CA SER B 84 -10.48 -22.19 0.20
C SER B 84 -11.62 -23.21 0.32
N ARG B 85 -12.86 -22.74 0.29
CA ARG B 85 -14.03 -23.65 0.17
C ARG B 85 -14.00 -24.33 -1.21
N SER B 86 -13.40 -23.71 -2.23
CA SER B 86 -13.40 -24.28 -3.60
C SER B 86 -12.57 -25.58 -3.61
N ILE B 87 -11.40 -25.58 -2.96
CA ILE B 87 -10.53 -26.79 -2.93
C ILE B 87 -11.25 -27.85 -2.09
N LYS B 88 -11.70 -27.49 -0.89
CA LYS B 88 -12.44 -28.37 0.03
C LYS B 88 -13.60 -29.06 -0.71
N ASP B 89 -14.37 -28.30 -1.48
CA ASP B 89 -15.58 -28.79 -2.20
C ASP B 89 -15.22 -29.77 -3.32
N ASN B 90 -13.96 -29.82 -3.75
CA ASN B 90 -13.60 -30.55 -5.00
C ASN B 90 -12.51 -31.61 -4.77
N VAL B 91 -12.08 -31.84 -3.54
CA VAL B 91 -11.08 -32.91 -3.23
C VAL B 91 -11.62 -33.79 -2.12
N ASP B 92 -11.02 -34.96 -1.96
CA ASP B 92 -11.25 -35.87 -0.81
C ASP B 92 -10.67 -35.18 0.43
N THR B 93 -11.51 -34.86 1.42
CA THR B 93 -11.11 -34.14 2.66
C THR B 93 -11.00 -35.08 3.85
N THR B 94 -10.85 -36.39 3.62
CA THR B 94 -10.63 -37.37 4.70
C THR B 94 -9.41 -36.94 5.51
N GLY B 95 -9.54 -36.89 6.84
CA GLY B 95 -8.43 -36.52 7.74
C GLY B 95 -8.20 -35.01 7.84
N TRP B 96 -8.94 -34.17 7.10
CA TRP B 96 -8.76 -32.69 7.16
C TRP B 96 -9.07 -32.16 8.57
N LEU B 97 -8.19 -31.30 9.08
CA LEU B 97 -8.30 -30.71 10.45
C LEU B 97 -9.21 -29.49 10.45
N ASN B 98 -9.57 -28.96 9.28
CA ASN B 98 -10.53 -27.82 9.19
C ASN B 98 -11.27 -27.91 7.86
N LEU B 99 -12.54 -27.53 7.88
CA LEU B 99 -13.46 -27.68 6.74
C LEU B 99 -14.18 -26.36 6.44
N GLN B 100 -13.90 -25.26 7.14
CA GLN B 100 -14.59 -23.98 6.85
C GLN B 100 -13.71 -22.78 7.19
N PRO B 101 -14.04 -21.59 6.65
CA PRO B 101 -13.38 -20.35 7.04
C PRO B 101 -13.56 -20.07 8.53
N GLY B 102 -12.77 -19.14 9.08
CA GLY B 102 -12.74 -18.85 10.51
C GLY B 102 -12.42 -17.40 10.79
N GLY B 103 -11.63 -17.15 11.82
CA GLY B 103 -11.37 -15.79 12.32
C GLY B 103 -12.65 -15.23 12.89
N SER B 104 -12.93 -13.96 12.63
CA SER B 104 -14.21 -13.33 13.05
C SER B 104 -15.24 -13.70 11.97
N HIS B 105 -15.83 -14.89 12.09
CA HIS B 105 -16.46 -15.63 10.96
C HIS B 105 -17.98 -15.42 10.96
N ILE B 106 -18.48 -14.63 10.02
CA ILE B 106 -19.93 -14.44 9.79
C ILE B 106 -20.32 -15.32 8.62
N ARG B 107 -21.18 -16.28 8.92
CA ARG B 107 -21.83 -17.15 7.90
CA ARG B 107 -21.81 -17.15 7.90
C ARG B 107 -23.07 -16.42 7.39
N VAL B 108 -23.06 -16.03 6.12
CA VAL B 108 -24.15 -15.19 5.51
C VAL B 108 -25.29 -16.12 5.09
N LEU B 109 -26.39 -16.09 5.85
CA LEU B 109 -27.55 -17.00 5.67
C LEU B 109 -28.78 -16.13 5.40
N THR B 110 -28.60 -15.09 4.59
CA THR B 110 -29.65 -14.09 4.28
C THR B 110 -30.71 -14.75 3.41
N PRO B 111 -31.99 -14.33 3.55
CA PRO B 111 -33.04 -14.78 2.65
C PRO B 111 -33.00 -13.98 1.36
N PRO B 112 -33.67 -14.46 0.28
CA PRO B 112 -33.65 -13.75 -1.00
C PRO B 112 -34.35 -12.38 -0.94
N THR B 113 -35.22 -12.17 0.06
CA THR B 113 -35.99 -10.90 0.25
C THR B 113 -35.07 -9.80 0.81
N SER B 114 -33.94 -10.16 1.43
CA SER B 114 -32.94 -9.18 1.98
C SER B 114 -31.57 -9.86 1.93
N PRO B 115 -31.02 -10.04 0.72
CA PRO B 115 -29.90 -10.96 0.49
C PRO B 115 -28.50 -10.43 0.88
N GLN B 116 -28.36 -9.12 1.02
CA GLN B 116 -27.07 -8.50 1.44
C GLN B 116 -26.91 -8.61 2.96
N ALA B 117 -25.78 -9.16 3.44
CA ALA B 117 -25.51 -9.34 4.89
C ALA B 117 -25.53 -7.97 5.58
N PHE B 118 -24.82 -7.01 4.97
CA PHE B 118 -24.71 -5.62 5.44
C PHE B 118 -25.18 -4.72 4.31
N LEU B 119 -26.31 -4.03 4.55
CA LEU B 119 -26.87 -3.05 3.61
C LEU B 119 -26.55 -1.67 4.20
N VAL B 120 -25.66 -0.95 3.54
CA VAL B 120 -25.18 0.38 4.01
C VAL B 120 -25.96 1.39 3.17
N ARG B 121 -26.97 2.01 3.79
CA ARG B 121 -27.96 2.81 3.05
C ARG B 121 -28.62 3.81 3.99
N ARG B 122 -28.68 5.07 3.54
CA ARG B 122 -29.48 6.13 4.20
C ARG B 122 -30.22 6.90 3.12
N ASP B 123 -31.54 6.94 3.24
CA ASP B 123 -32.39 7.89 2.46
C ASP B 123 -32.32 9.21 3.23
N GLY B 124 -32.01 10.30 2.55
CA GLY B 124 -31.76 11.58 3.24
C GLY B 124 -30.30 11.94 3.19
N SER B 125 -29.89 12.91 4.02
CA SER B 125 -28.65 13.70 3.84
C SER B 125 -27.92 13.83 5.18
N PRO B 126 -26.58 14.04 5.20
CA PRO B 126 -25.75 14.04 3.99
C PRO B 126 -25.32 12.62 3.57
N ARG B 127 -24.29 12.51 2.73
CA ARG B 127 -23.66 11.21 2.36
C ARG B 127 -23.29 10.44 3.63
N LEU B 128 -23.54 9.13 3.70
CA LEU B 128 -22.98 8.29 4.78
C LEU B 128 -21.45 8.44 4.73
N SER B 129 -20.84 8.74 5.87
CA SER B 129 -19.41 9.15 5.96
C SER B 129 -18.66 8.25 6.95
N GLY B 130 -17.42 7.89 6.60
CA GLY B 130 -16.42 7.38 7.54
C GLY B 130 -16.80 6.05 8.16
N ILE B 131 -17.63 5.25 7.46
CA ILE B 131 -17.90 3.85 7.87
C ILE B 131 -16.67 2.99 7.59
N VAL B 132 -16.32 2.13 8.55
CA VAL B 132 -15.12 1.24 8.50
C VAL B 132 -15.61 -0.20 8.67
N PHE B 133 -15.29 -1.07 7.71
CA PHE B 133 -15.34 -2.53 7.90
C PHE B 133 -13.91 -3.06 7.88
N LYS B 134 -13.52 -3.78 8.92
CA LYS B 134 -12.14 -4.30 8.99
C LYS B 134 -12.04 -5.63 9.76
N ASP B 135 -11.09 -6.46 9.32
CA ASP B 135 -10.55 -7.59 10.10
C ASP B 135 -11.66 -8.59 10.45
N PHE B 136 -12.63 -8.82 9.56
CA PHE B 136 -13.53 -9.98 9.76
C PHE B 136 -13.83 -10.68 8.45
N CYS B 137 -14.51 -11.83 8.58
CA CYS B 137 -14.77 -12.79 7.47
C CYS B 137 -16.25 -12.80 7.14
N LEU B 138 -16.59 -12.58 5.87
CA LEU B 138 -17.96 -12.79 5.33
C LEU B 138 -17.92 -14.03 4.41
N ASP B 139 -18.71 -15.04 4.77
CA ASP B 139 -18.69 -16.38 4.14
C ASP B 139 -20.12 -16.74 3.73
N GLY B 140 -20.37 -16.90 2.43
CA GLY B 140 -21.69 -17.32 1.90
C GLY B 140 -21.95 -18.81 2.05
N VAL B 141 -20.99 -19.56 2.59
CA VAL B 141 -21.14 -20.99 3.05
C VAL B 141 -21.21 -21.93 1.84
N SER B 142 -22.08 -21.70 0.86
CA SER B 142 -22.20 -22.63 -0.29
C SER B 142 -22.66 -21.90 -1.55
N PHE B 143 -22.26 -22.40 -2.71
CA PHE B 143 -22.82 -21.97 -4.01
C PHE B 143 -23.97 -22.91 -4.36
N VAL B 144 -24.84 -22.47 -5.27
CA VAL B 144 -26.14 -23.11 -5.62
C VAL B 144 -26.12 -23.49 -7.10
N PRO B 145 -26.45 -24.76 -7.48
CA PRO B 145 -26.76 -25.83 -6.53
C PRO B 145 -25.54 -26.59 -5.99
N ASP B 146 -24.36 -26.35 -6.57
CA ASP B 146 -23.07 -26.98 -6.14
C ASP B 146 -22.01 -25.89 -5.94
N GLY B 147 -20.86 -26.29 -5.42
CA GLY B 147 -19.77 -25.39 -5.01
C GLY B 147 -19.11 -24.71 -6.18
N ASN B 148 -19.41 -25.11 -7.43
CA ASN B 148 -18.67 -24.60 -8.61
C ASN B 148 -19.51 -23.62 -9.43
N SER B 149 -20.72 -23.29 -9.00
CA SER B 149 -21.62 -22.40 -9.76
C SER B 149 -21.20 -20.93 -9.63
N TYR B 150 -20.64 -20.53 -8.47
CA TYR B 150 -20.37 -19.11 -8.11
C TYR B 150 -21.68 -18.31 -8.05
N LYS B 151 -22.81 -18.98 -7.84
CA LYS B 151 -24.15 -18.34 -7.75
C LYS B 151 -24.72 -18.68 -6.37
N ASN B 152 -25.21 -17.69 -5.63
CA ASN B 152 -26.08 -17.93 -4.43
C ASN B 152 -26.96 -16.73 -4.07
N GLY B 153 -26.90 -15.64 -4.83
CA GLY B 153 -27.69 -14.42 -4.62
C GLY B 153 -27.34 -13.69 -3.33
N LYS B 154 -26.21 -14.03 -2.68
CA LYS B 154 -25.80 -13.38 -1.41
C LYS B 154 -24.78 -12.29 -1.73
N THR B 155 -24.84 -11.19 -0.96
CA THR B 155 -23.87 -10.06 -0.98
C THR B 155 -23.30 -9.91 0.45
N GLY B 156 -21.99 -9.62 0.54
CA GLY B 156 -21.33 -9.37 1.83
C GLY B 156 -21.68 -7.98 2.32
N ILE B 157 -21.17 -6.98 1.61
CA ILE B 157 -21.41 -5.55 1.92
C ILE B 157 -21.92 -4.89 0.66
N ASP B 158 -23.11 -4.29 0.75
CA ASP B 158 -23.72 -3.48 -0.33
C ASP B 158 -23.89 -2.05 0.18
N VAL B 159 -23.08 -1.13 -0.32
CA VAL B 159 -23.30 0.32 -0.01
C VAL B 159 -24.16 0.89 -1.14
N ALA B 160 -25.41 1.21 -0.83
CA ALA B 160 -26.47 1.48 -1.82
C ALA B 160 -26.84 2.97 -1.87
N SER B 161 -26.19 3.84 -1.10
CA SER B 161 -26.44 5.29 -1.22
C SER B 161 -25.10 6.02 -1.24
N ASP B 162 -25.09 7.26 -1.73
CA ASP B 162 -23.85 8.07 -1.88
C ASP B 162 -23.10 8.07 -0.54
N ASN B 163 -21.78 7.98 -0.59
CA ASN B 163 -20.97 7.68 0.61
C ASN B 163 -19.65 8.41 0.44
N ASP B 164 -19.04 8.76 1.56
CA ASP B 164 -17.77 9.53 1.60
C ASP B 164 -16.81 8.90 2.63
N SER B 165 -15.56 8.68 2.25
CA SER B 165 -14.47 8.28 3.18
C SER B 165 -14.79 6.95 3.85
N ILE B 166 -15.38 6.00 3.13
CA ILE B 166 -15.54 4.61 3.63
C ILE B 166 -14.17 3.91 3.53
N HIS B 167 -13.89 3.01 4.47
CA HIS B 167 -12.60 2.29 4.57
C HIS B 167 -12.90 0.82 4.82
N ILE B 168 -12.55 -0.02 3.83
CA ILE B 168 -12.71 -1.50 3.87
C ILE B 168 -11.30 -2.09 3.90
N THR B 169 -10.87 -2.67 5.01
CA THR B 169 -9.46 -3.09 5.15
C THR B 169 -9.35 -4.36 6.00
N GLY B 170 -8.43 -5.26 5.64
CA GLY B 170 -8.13 -6.48 6.43
C GLY B 170 -9.26 -7.49 6.41
N MET B 171 -10.18 -7.39 5.45
CA MET B 171 -11.38 -8.25 5.41
C MET B 171 -11.01 -9.57 4.72
N GLY B 172 -11.83 -10.59 4.95
CA GLY B 172 -11.88 -11.80 4.13
C GLY B 172 -13.29 -11.99 3.61
N PHE B 173 -13.44 -12.25 2.31
CA PHE B 173 -14.74 -12.58 1.69
C PHE B 173 -14.57 -13.89 0.95
N VAL B 174 -15.50 -14.83 1.09
CA VAL B 174 -15.41 -16.16 0.44
C VAL B 174 -16.83 -16.68 0.15
N TYR B 175 -17.06 -17.19 -1.05
CA TYR B 175 -18.30 -17.92 -1.41
C TYR B 175 -19.53 -17.01 -1.33
N LEU B 176 -19.33 -15.74 -1.71
CA LEU B 176 -20.42 -14.78 -1.95
C LEU B 176 -20.56 -14.55 -3.44
N GLU B 177 -21.79 -14.51 -3.96
CA GLU B 177 -22.00 -14.13 -5.38
C GLU B 177 -21.43 -12.73 -5.59
N HIS B 178 -21.60 -11.84 -4.59
CA HIS B 178 -21.09 -10.45 -4.58
C HIS B 178 -20.42 -10.18 -3.24
N ALA B 179 -19.10 -9.99 -3.21
CA ALA B 179 -18.37 -9.73 -1.94
C ALA B 179 -18.74 -8.32 -1.48
N LEU B 180 -18.34 -7.33 -2.25
CA LEU B 180 -18.44 -5.91 -1.90
C LEU B 180 -19.02 -5.15 -3.09
N ILE B 181 -20.05 -4.37 -2.81
CA ILE B 181 -20.63 -3.43 -3.80
C ILE B 181 -20.59 -2.04 -3.16
N VAL B 182 -20.05 -1.05 -3.86
CA VAL B 182 -20.13 0.35 -3.36
C VAL B 182 -20.59 1.26 -4.49
N ARG B 183 -21.81 1.79 -4.37
CA ARG B 183 -22.42 2.72 -5.36
C ARG B 183 -22.20 4.17 -4.91
N GLY B 184 -21.81 5.05 -5.84
CA GLY B 184 -21.56 6.49 -5.60
C GLY B 184 -20.41 6.69 -4.61
N ALA B 185 -19.32 5.94 -4.77
CA ALA B 185 -18.15 5.99 -3.86
C ALA B 185 -17.36 7.29 -4.07
N ASP B 186 -17.23 7.98 -2.95
CA ASP B 186 -16.40 9.20 -2.94
C ASP B 186 -15.31 8.98 -1.88
N ALA B 187 -13.95 9.07 -2.26
CA ALA B 187 -12.83 9.00 -1.29
C ALA B 187 -12.90 7.66 -0.54
N LEU B 188 -13.32 6.60 -1.24
CA LEU B 188 -13.34 5.20 -0.75
C LEU B 188 -11.91 4.65 -0.81
N ARG B 189 -11.55 3.85 0.20
CA ARG B 189 -10.33 2.99 0.19
C ARG B 189 -10.75 1.52 0.42
N VAL B 190 -10.50 0.69 -0.57
CA VAL B 190 -10.56 -0.78 -0.48
C VAL B 190 -9.11 -1.25 -0.44
N HIS B 191 -8.62 -1.55 0.76
CA HIS B 191 -7.17 -1.67 1.01
C HIS B 191 -6.86 -2.97 1.76
N ASP B 192 -5.92 -3.78 1.26
CA ASP B 192 -5.33 -4.90 2.05
C ASP B 192 -6.42 -5.88 2.51
N ASN B 193 -7.26 -6.34 1.58
CA ASN B 193 -8.31 -7.35 1.82
C ASN B 193 -7.97 -8.63 1.06
N MET B 194 -8.59 -9.71 1.49
CA MET B 194 -8.63 -11.01 0.77
C MET B 194 -10.05 -11.19 0.25
N VAL B 195 -10.25 -11.13 -1.06
CA VAL B 195 -11.60 -11.25 -1.70
C VAL B 195 -11.49 -12.32 -2.78
N ALA B 196 -11.80 -13.57 -2.43
CA ALA B 196 -11.55 -14.72 -3.33
C ALA B 196 -12.68 -15.76 -3.25
N GLU B 197 -12.85 -16.46 -4.35
CA GLU B 197 -13.87 -17.52 -4.53
C GLU B 197 -15.23 -16.88 -4.27
N CYS B 198 -15.42 -15.64 -4.78
CA CYS B 198 -16.71 -14.95 -4.85
C CYS B 198 -17.09 -14.86 -6.33
N GLY B 199 -18.39 -14.85 -6.66
CA GLY B 199 -18.80 -14.71 -8.07
C GLY B 199 -18.27 -13.40 -8.63
N ASN B 200 -18.35 -12.36 -7.79
CA ASN B 200 -17.97 -10.95 -8.08
C ASN B 200 -17.24 -10.44 -6.84
N CYS B 201 -16.12 -9.74 -6.98
CA CYS B 201 -15.31 -9.35 -5.79
C CYS B 201 -15.66 -7.91 -5.37
N VAL B 202 -15.32 -6.92 -6.19
CA VAL B 202 -15.51 -5.48 -5.86
C VAL B 202 -16.19 -4.79 -7.04
N GLU B 203 -17.42 -4.34 -6.82
CA GLU B 203 -18.23 -3.62 -7.81
C GLU B 203 -18.38 -2.15 -7.37
N LEU B 204 -17.69 -1.23 -8.02
CA LEU B 204 -17.82 0.22 -7.76
C LEU B 204 -18.78 0.82 -8.80
N THR B 205 -20.05 0.93 -8.42
CA THR B 205 -21.18 1.10 -9.36
C THR B 205 -21.66 2.55 -9.34
N GLY B 206 -22.43 2.93 -10.37
CA GLY B 206 -23.09 4.24 -10.49
C GLY B 206 -22.12 5.31 -10.96
N ALA B 207 -21.36 5.88 -10.03
CA ALA B 207 -20.28 6.84 -10.34
C ALA B 207 -19.30 6.82 -9.16
N GLY B 208 -18.16 7.48 -9.29
CA GLY B 208 -17.25 7.55 -8.14
C GLY B 208 -16.17 8.57 -8.34
N GLN B 209 -15.51 9.00 -7.25
CA GLN B 209 -14.44 10.01 -7.30
C GLN B 209 -13.36 9.64 -6.30
N ALA B 210 -12.10 9.93 -6.64
CA ALA B 210 -10.96 9.99 -5.68
C ALA B 210 -10.90 8.71 -4.84
N THR B 211 -11.04 7.55 -5.48
CA THR B 211 -11.04 6.22 -4.81
C THR B 211 -9.66 5.54 -4.95
N ILE B 212 -9.26 4.76 -3.95
CA ILE B 212 -8.05 3.90 -4.00
C ILE B 212 -8.46 2.45 -3.75
N VAL B 213 -8.08 1.58 -4.68
CA VAL B 213 -8.13 0.11 -4.51
C VAL B 213 -6.69 -0.39 -4.54
N SER B 214 -6.18 -0.83 -3.39
CA SER B 214 -4.73 -1.11 -3.22
C SER B 214 -4.50 -2.36 -2.35
N ASP B 215 -3.46 -3.10 -2.70
CA ASP B 215 -2.80 -4.09 -1.84
C ASP B 215 -3.77 -5.25 -1.54
N ASN B 216 -4.77 -5.47 -2.41
CA ASN B 216 -5.75 -6.58 -2.25
C ASN B 216 -5.29 -7.83 -3.00
N LEU B 217 -5.69 -8.98 -2.47
CA LEU B 217 -5.71 -10.29 -3.14
C LEU B 217 -7.16 -10.56 -3.59
N MET B 218 -7.37 -10.76 -4.89
CA MET B 218 -8.74 -10.98 -5.41
C MET B 218 -8.75 -12.05 -6.51
N GLY B 219 -9.78 -12.89 -6.47
CA GLY B 219 -10.12 -13.90 -7.48
C GLY B 219 -11.63 -14.10 -7.52
N ALA B 220 -12.22 -14.03 -8.70
CA ALA B 220 -13.68 -14.08 -8.88
C ALA B 220 -14.08 -15.35 -9.65
N GLY B 221 -15.31 -15.38 -10.17
CA GLY B 221 -15.88 -16.49 -10.93
C GLY B 221 -16.16 -16.10 -12.37
N PRO B 222 -16.30 -17.11 -13.27
CA PRO B 222 -16.22 -16.89 -14.71
C PRO B 222 -17.38 -16.08 -15.32
N GLU B 223 -18.47 -15.89 -14.58
CA GLU B 223 -19.60 -15.03 -15.05
C GLU B 223 -19.54 -13.67 -14.33
N GLY B 224 -18.50 -13.42 -13.53
CA GLY B 224 -18.49 -12.27 -12.61
C GLY B 224 -17.25 -11.39 -12.79
N VAL B 225 -17.23 -10.27 -12.09
CA VAL B 225 -16.11 -9.28 -12.18
C VAL B 225 -15.20 -9.48 -10.96
N THR B 226 -13.92 -9.13 -11.11
CA THR B 226 -12.99 -9.07 -9.97
C THR B 226 -13.10 -7.63 -9.45
N LEU B 227 -12.54 -6.68 -10.17
CA LEU B 227 -12.84 -5.23 -9.91
C LEU B 227 -13.62 -4.69 -11.10
N LEU B 228 -14.78 -4.09 -10.80
CA LEU B 228 -15.57 -3.31 -11.76
C LEU B 228 -15.68 -1.87 -11.25
N ALA B 229 -15.47 -0.88 -12.11
CA ALA B 229 -15.81 0.53 -11.81
C ALA B 229 -16.70 1.05 -12.94
N GLU B 230 -17.76 1.78 -12.58
CA GLU B 230 -18.70 2.44 -13.53
C GLU B 230 -18.63 3.93 -13.29
N ASN B 231 -18.25 4.68 -14.33
CA ASN B 231 -18.30 6.17 -14.33
C ASN B 231 -17.47 6.70 -13.17
N HIS B 232 -16.29 6.10 -12.91
CA HIS B 232 -15.33 6.62 -11.92
C HIS B 232 -14.46 7.69 -12.59
N GLU B 233 -14.16 8.72 -11.81
CA GLU B 233 -13.13 9.74 -12.13
C GLU B 233 -12.02 9.60 -11.10
N GLY B 234 -10.76 9.51 -11.52
CA GLY B 234 -9.61 9.55 -10.59
C GLY B 234 -9.54 8.35 -9.66
N LEU B 235 -10.03 7.21 -10.11
CA LEU B 235 -9.84 5.93 -9.37
C LEU B 235 -8.37 5.52 -9.56
N LEU B 236 -7.71 5.15 -8.48
CA LEU B 236 -6.33 4.62 -8.49
C LEU B 236 -6.36 3.15 -8.05
N VAL B 237 -5.91 2.27 -8.93
CA VAL B 237 -5.85 0.80 -8.70
C VAL B 237 -4.37 0.39 -8.72
N THR B 238 -3.81 0.07 -7.56
CA THR B 238 -2.34 -0.09 -7.43
C THR B 238 -2.01 -1.18 -6.41
N GLY B 239 -0.94 -1.94 -6.66
CA GLY B 239 -0.41 -2.91 -5.70
C GLY B 239 -1.33 -4.08 -5.46
N ASN B 240 -2.25 -4.37 -6.38
CA ASN B 240 -3.20 -5.50 -6.23
C ASN B 240 -2.64 -6.74 -6.93
N ASN B 241 -2.92 -7.90 -6.35
CA ASN B 241 -2.66 -9.21 -6.96
C ASN B 241 -4.01 -9.83 -7.33
N PHE B 242 -4.37 -9.74 -8.60
CA PHE B 242 -5.61 -10.28 -9.21
C PHE B 242 -5.28 -11.63 -9.88
N PHE B 243 -5.99 -12.67 -9.50
CA PHE B 243 -5.78 -14.06 -9.98
C PHE B 243 -7.14 -14.57 -10.45
N PRO B 244 -7.21 -15.74 -11.12
CA PRO B 244 -8.47 -16.21 -11.69
C PRO B 244 -9.57 -16.40 -10.63
N ARG B 245 -10.85 -16.53 -11.07
CA ARG B 245 -11.22 -16.83 -12.44
C ARG B 245 -12.45 -16.00 -12.82
N GLY B 246 -12.37 -14.69 -12.60
CA GLY B 246 -13.37 -13.73 -13.05
C GLY B 246 -13.49 -13.75 -14.56
N ARG B 247 -14.66 -13.40 -15.08
CA ARG B 247 -14.81 -13.14 -16.53
C ARG B 247 -13.74 -12.11 -16.92
N SER B 248 -13.48 -11.16 -16.02
CA SER B 248 -12.43 -10.12 -16.16
C SER B 248 -11.77 -9.95 -14.79
N LEU B 249 -10.60 -9.37 -14.79
CA LEU B 249 -9.85 -8.98 -13.56
C LEU B 249 -10.06 -7.49 -13.33
N LEU B 250 -10.04 -6.68 -14.39
CA LEU B 250 -10.35 -5.24 -14.27
C LEU B 250 -11.28 -4.83 -15.41
N GLU B 251 -12.43 -4.32 -15.03
CA GLU B 251 -13.48 -3.89 -15.97
C GLU B 251 -13.91 -2.46 -15.61
N PHE B 252 -13.62 -1.51 -16.50
CA PHE B 252 -14.07 -0.11 -16.39
C PHE B 252 -15.13 0.12 -17.48
N THR B 253 -16.24 0.78 -17.12
CA THR B 253 -17.21 1.26 -18.12
C THR B 253 -17.41 2.76 -17.87
N GLY B 254 -17.05 3.58 -18.84
CA GLY B 254 -17.19 5.04 -18.80
C GLY B 254 -16.29 5.66 -17.74
N CYS B 255 -15.16 5.05 -17.40
CA CYS B 255 -14.22 5.62 -16.41
C CYS B 255 -13.23 6.51 -17.13
N ASN B 256 -13.00 7.70 -16.58
CA ASN B 256 -12.08 8.69 -17.18
C ASN B 256 -11.02 9.07 -16.16
N ARG B 257 -9.81 9.31 -16.66
CA ARG B 257 -8.71 9.95 -15.88
C ARG B 257 -8.46 9.09 -14.65
N CYS B 258 -8.45 7.79 -14.85
CA CYS B 258 -8.16 6.76 -13.81
C CYS B 258 -6.76 6.19 -14.07
N SER B 259 -6.20 5.52 -13.06
CA SER B 259 -4.84 4.94 -13.14
C SER B 259 -4.87 3.50 -12.62
N VAL B 260 -4.38 2.58 -13.45
CA VAL B 260 -4.17 1.15 -13.14
C VAL B 260 -2.67 0.90 -13.30
N THR B 261 -1.95 0.84 -12.17
CA THR B 261 -0.47 0.90 -12.10
C THR B 261 0.02 -0.04 -11.00
N SER B 262 1.10 -0.78 -11.28
CA SER B 262 1.84 -1.60 -10.30
C SER B 262 0.96 -2.71 -9.74
N ASN B 263 0.24 -3.42 -10.60
CA ASN B 263 -0.57 -4.60 -10.21
C ASN B 263 -0.02 -5.84 -10.89
N ARG B 264 -0.45 -6.97 -10.37
CA ARG B 264 -0.23 -8.30 -10.97
C ARG B 264 -1.59 -8.87 -11.36
N PHE B 265 -1.73 -9.27 -12.63
CA PHE B 265 -2.95 -9.83 -13.24
C PHE B 265 -2.65 -11.22 -13.81
N GLN B 266 -3.32 -12.24 -13.29
CA GLN B 266 -3.28 -13.62 -13.83
C GLN B 266 -4.72 -14.06 -14.14
N GLY B 267 -4.97 -14.39 -15.40
CA GLY B 267 -6.29 -14.85 -15.88
C GLY B 267 -6.17 -16.09 -16.76
N PHE B 268 -7.27 -16.82 -16.90
CA PHE B 268 -7.37 -18.08 -17.68
C PHE B 268 -8.26 -17.86 -18.91
N TYR B 269 -8.73 -16.63 -19.16
CA TYR B 269 -9.66 -16.29 -20.26
C TYR B 269 -9.24 -15.01 -20.92
N PRO B 270 -9.63 -14.82 -22.19
CA PRO B 270 -9.51 -13.53 -22.86
C PRO B 270 -10.30 -12.44 -22.11
N GLY B 271 -9.96 -11.19 -22.35
CA GLY B 271 -10.62 -10.01 -21.74
C GLY B 271 -10.36 -9.92 -20.24
N MET B 272 -9.14 -10.18 -19.80
CA MET B 272 -8.69 -9.91 -18.41
C MET B 272 -8.87 -8.44 -18.04
N MET B 273 -8.60 -7.51 -18.96
CA MET B 273 -8.83 -6.07 -18.70
C MET B 273 -9.73 -5.48 -19.80
N ARG B 274 -10.79 -4.80 -19.39
CA ARG B 274 -11.79 -4.21 -20.32
C ARG B 274 -11.99 -2.74 -19.96
N LEU B 275 -11.67 -1.84 -20.87
CA LEU B 275 -12.03 -0.40 -20.79
C LEU B 275 -13.18 -0.19 -21.79
N LEU B 276 -14.41 -0.22 -21.30
CA LEU B 276 -15.64 -0.27 -22.14
C LEU B 276 -16.32 1.10 -22.23
N ASN B 277 -17.01 1.36 -23.35
CA ASN B 277 -17.96 2.49 -23.49
C ASN B 277 -17.26 3.83 -23.24
N GLY B 278 -16.18 4.10 -23.99
CA GLY B 278 -15.59 5.43 -24.07
C GLY B 278 -14.79 5.80 -22.81
N CYS B 279 -14.03 4.87 -22.23
CA CYS B 279 -13.04 5.22 -21.16
C CYS B 279 -11.98 6.19 -21.72
N LYS B 280 -11.82 7.38 -21.15
CA LYS B 280 -10.85 8.34 -21.69
C LYS B 280 -9.69 8.57 -20.71
N GLU B 281 -8.50 8.77 -21.26
CA GLU B 281 -7.38 9.45 -20.58
C GLU B 281 -6.99 8.64 -19.33
N ASN B 282 -7.03 7.32 -19.47
CA ASN B 282 -6.61 6.37 -18.39
C ASN B 282 -5.16 5.95 -18.61
N LEU B 283 -4.46 5.76 -17.50
CA LEU B 283 -3.05 5.30 -17.48
C LEU B 283 -3.08 3.82 -17.08
N ILE B 284 -2.61 2.96 -17.97
CA ILE B 284 -2.51 1.49 -17.73
C ILE B 284 -1.02 1.16 -17.86
N THR B 285 -0.31 1.12 -16.73
CA THR B 285 1.17 1.12 -16.78
C THR B 285 1.79 0.28 -15.67
N SER B 286 2.99 -0.26 -15.93
CA SER B 286 3.79 -0.94 -14.90
C SER B 286 3.00 -2.10 -14.32
N ASN B 287 2.20 -2.77 -15.15
CA ASN B 287 1.42 -3.97 -14.72
C ASN B 287 2.02 -5.21 -15.34
N HIS B 288 1.89 -6.33 -14.64
CA HIS B 288 2.25 -7.67 -15.15
C HIS B 288 0.94 -8.42 -15.48
N PHE B 289 0.81 -8.82 -16.72
CA PHE B 289 -0.36 -9.57 -17.24
C PHE B 289 0.10 -10.97 -17.64
N ARG B 290 -0.53 -11.98 -17.08
CA ARG B 290 -0.27 -13.40 -17.41
C ARG B 290 -1.59 -14.04 -17.86
N ARG B 291 -1.69 -14.36 -19.14
CA ARG B 291 -2.83 -15.15 -19.67
C ARG B 291 -2.37 -16.60 -19.73
N GLY B 292 -3.01 -17.49 -18.96
CA GLY B 292 -2.72 -18.94 -18.92
C GLY B 292 -3.96 -19.75 -19.20
N THR B 293 -3.94 -21.05 -18.95
CA THR B 293 -5.13 -21.92 -19.00
C THR B 293 -5.36 -22.55 -17.64
N GLU B 294 -6.62 -22.90 -17.40
CA GLU B 294 -7.07 -23.49 -16.13
C GLU B 294 -6.30 -24.78 -15.88
N GLY B 295 -5.79 -24.95 -14.66
CA GLY B 295 -5.10 -26.18 -14.20
C GLY B 295 -5.97 -26.97 -13.25
N PHE B 296 -6.97 -26.34 -12.60
CA PHE B 296 -7.76 -26.97 -11.52
C PHE B 296 -8.89 -27.75 -12.18
N PRO B 297 -8.92 -29.11 -12.07
CA PRO B 297 -9.78 -29.97 -12.88
C PRO B 297 -11.25 -29.61 -12.95
N PRO B 298 -11.92 -29.27 -11.81
CA PRO B 298 -13.34 -28.94 -11.86
C PRO B 298 -13.71 -27.76 -12.80
N PHE B 299 -12.75 -26.93 -13.19
CA PHE B 299 -13.03 -25.72 -14.02
C PHE B 299 -12.40 -25.84 -15.43
N ILE B 300 -11.76 -26.96 -15.76
CA ILE B 300 -10.94 -27.06 -17.02
C ILE B 300 -11.82 -26.72 -18.24
N ASP B 301 -13.09 -27.11 -18.27
CA ASP B 301 -13.94 -26.85 -19.45
C ASP B 301 -14.77 -25.57 -19.26
N ARG B 302 -14.60 -24.83 -18.15
CA ARG B 302 -15.31 -23.54 -17.90
C ARG B 302 -14.66 -22.41 -18.69
N THR B 303 -15.47 -21.54 -19.28
CA THR B 303 -15.00 -20.39 -20.10
C THR B 303 -15.82 -19.14 -19.75
N ASN B 304 -15.35 -17.97 -20.13
CA ASN B 304 -16.11 -16.69 -20.01
C ASN B 304 -16.78 -16.41 -21.36
N GLY B 305 -16.71 -17.38 -22.28
CA GLY B 305 -17.38 -17.38 -23.60
C GLY B 305 -16.72 -16.51 -24.65
N LEU B 306 -15.55 -15.91 -24.34
CA LEU B 306 -14.84 -14.98 -25.26
C LEU B 306 -13.72 -15.73 -26.01
N ASP B 307 -13.39 -15.28 -27.22
CA ASP B 307 -12.32 -15.88 -28.06
C ASP B 307 -11.06 -15.01 -27.92
N ASP B 308 -9.95 -15.49 -28.48
CA ASP B 308 -8.61 -14.93 -28.20
C ASP B 308 -8.37 -13.68 -29.05
N LEU B 309 -9.32 -13.30 -29.90
CA LEU B 309 -9.25 -12.02 -30.64
C LEU B 309 -9.82 -10.89 -29.79
N TYR B 310 -10.42 -11.19 -28.63
CA TYR B 310 -11.04 -10.14 -27.77
C TYR B 310 -9.97 -9.23 -27.17
N GLY B 311 -8.80 -9.79 -26.85
CA GLY B 311 -7.65 -9.08 -26.27
C GLY B 311 -7.41 -9.48 -24.82
N VAL B 312 -6.15 -9.49 -24.38
CA VAL B 312 -5.84 -9.55 -22.92
C VAL B 312 -6.30 -8.22 -22.30
N ILE B 313 -6.05 -7.13 -23.02
CA ILE B 313 -6.66 -5.79 -22.79
C ILE B 313 -7.54 -5.50 -24.01
N HIS B 314 -8.79 -5.13 -23.73
CA HIS B 314 -9.81 -4.73 -24.73
C HIS B 314 -10.21 -3.30 -24.37
N ALA B 315 -9.85 -2.32 -25.20
CA ALA B 315 -10.01 -0.88 -24.89
C ALA B 315 -10.88 -0.19 -25.94
N MET B 316 -11.90 0.54 -25.49
CA MET B 316 -12.76 1.42 -26.33
C MET B 316 -12.87 2.80 -25.66
N GLY B 317 -12.18 3.79 -26.19
CA GLY B 317 -12.06 5.11 -25.58
C GLY B 317 -10.93 5.89 -26.20
N ASP B 318 -10.70 7.09 -25.70
CA ASP B 318 -9.76 8.04 -26.30
C ASP B 318 -8.58 8.24 -25.35
N ASN B 319 -7.38 8.31 -25.92
CA ASN B 319 -6.20 8.95 -25.28
C ASN B 319 -5.80 8.19 -24.01
N ASN B 320 -6.02 6.89 -23.97
CA ASN B 320 -5.45 6.00 -22.92
C ASN B 320 -3.96 5.81 -23.22
N LEU B 321 -3.13 5.74 -22.18
CA LEU B 321 -1.71 5.35 -22.29
C LEU B 321 -1.59 3.94 -21.70
N ILE B 322 -1.34 2.96 -22.56
CA ILE B 322 -1.07 1.54 -22.18
C ILE B 322 0.41 1.31 -22.43
N SER B 323 1.20 1.39 -21.35
CA SER B 323 2.67 1.50 -21.46
C SER B 323 3.36 0.64 -20.40
N ASN B 324 4.58 0.21 -20.72
CA ASN B 324 5.52 -0.31 -19.71
C ASN B 324 4.87 -1.47 -18.97
N ASN B 325 4.18 -2.34 -19.71
CA ASN B 325 3.57 -3.57 -19.15
C ASN B 325 4.29 -4.78 -19.74
N LEU B 326 4.26 -5.88 -19.01
CA LEU B 326 4.76 -7.18 -19.50
C LEU B 326 3.55 -8.12 -19.62
N PHE B 327 3.40 -8.73 -20.79
CA PHE B 327 2.34 -9.72 -21.10
C PHE B 327 2.99 -11.08 -21.33
N ALA B 328 2.65 -12.07 -20.52
CA ALA B 328 3.10 -13.47 -20.69
C ALA B 328 1.87 -14.31 -21.04
N TYR B 329 1.74 -14.65 -22.32
CA TYR B 329 0.63 -15.48 -22.88
C TYR B 329 1.14 -16.92 -23.08
N ASP B 330 0.51 -17.87 -22.41
CA ASP B 330 0.81 -19.31 -22.63
C ASP B 330 -0.49 -20.11 -22.59
N VAL B 331 -1.05 -20.38 -23.76
CA VAL B 331 -2.31 -21.17 -23.93
C VAL B 331 -2.01 -22.27 -24.94
N PRO B 332 -2.27 -23.56 -24.63
CA PRO B 332 -2.08 -24.64 -25.61
C PRO B 332 -2.83 -24.34 -26.89
N PRO B 333 -2.23 -24.58 -28.08
CA PRO B 333 -2.86 -24.22 -29.36
C PRO B 333 -4.28 -24.79 -29.53
N GLY B 334 -4.55 -25.95 -28.93
CA GLY B 334 -5.87 -26.61 -28.95
C GLY B 334 -6.90 -25.95 -28.06
N LYS B 335 -6.52 -24.93 -27.27
CA LYS B 335 -7.44 -24.21 -26.32
C LYS B 335 -7.67 -22.77 -26.81
N ILE B 336 -7.07 -22.40 -27.93
CA ILE B 336 -7.15 -21.04 -28.54
C ILE B 336 -8.39 -21.00 -29.44
N ALA B 337 -9.24 -19.98 -29.29
CA ALA B 337 -10.48 -19.78 -30.07
C ALA B 337 -10.35 -18.54 -30.93
N PRO B 338 -10.74 -18.58 -32.22
CA PRO B 338 -11.09 -19.84 -32.91
C PRO B 338 -9.81 -20.60 -33.28
N ALA B 339 -9.95 -21.88 -33.66
CA ALA B 339 -8.82 -22.76 -34.03
C ALA B 339 -7.90 -22.04 -35.02
N GLY B 340 -6.60 -22.00 -34.75
CA GLY B 340 -5.56 -21.47 -35.66
C GLY B 340 -5.46 -19.95 -35.66
N ALA B 341 -6.21 -19.25 -34.80
CA ALA B 341 -6.15 -17.77 -34.70
C ALA B 341 -4.81 -17.35 -34.09
N GLN B 342 -4.33 -16.17 -34.48
CA GLN B 342 -3.33 -15.40 -33.69
C GLN B 342 -4.10 -14.71 -32.57
N PRO B 343 -3.87 -15.08 -31.29
CA PRO B 343 -4.41 -14.32 -30.18
C PRO B 343 -4.00 -12.84 -30.25
N THR B 344 -4.86 -11.96 -29.75
CA THR B 344 -4.62 -10.51 -29.63
C THR B 344 -4.27 -10.21 -28.16
N ILE B 345 -3.16 -9.52 -27.91
CA ILE B 345 -2.77 -9.12 -26.54
C ILE B 345 -3.50 -7.80 -26.20
N MET B 346 -3.30 -6.75 -26.99
CA MET B 346 -4.02 -5.47 -26.82
C MET B 346 -4.89 -5.19 -28.04
N LEU B 347 -6.20 -5.14 -27.84
CA LEU B 347 -7.16 -4.71 -28.88
C LEU B 347 -7.61 -3.27 -28.58
N ILE B 348 -7.28 -2.34 -29.47
CA ILE B 348 -7.96 -1.02 -29.51
C ILE B 348 -9.24 -1.19 -30.34
N ALA B 349 -10.38 -1.41 -29.67
CA ALA B 349 -11.67 -1.76 -30.32
C ALA B 349 -12.29 -0.50 -30.93
N GLY B 350 -11.84 0.67 -30.48
CA GLY B 350 -12.33 1.96 -30.99
C GLY B 350 -11.76 3.13 -30.22
N GLY B 351 -11.87 4.33 -30.79
CA GLY B 351 -11.48 5.59 -30.13
C GLY B 351 -10.26 6.22 -30.75
N ASP B 352 -9.96 7.40 -30.23
CA ASP B 352 -9.04 8.38 -30.82
C ASP B 352 -7.84 8.60 -29.88
N GLY B 353 -6.62 8.53 -30.42
CA GLY B 353 -5.42 9.09 -29.77
C GLY B 353 -4.78 8.16 -28.74
N ASN B 354 -5.22 6.91 -28.67
CA ASN B 354 -4.65 5.89 -27.76
C ASN B 354 -3.17 5.69 -28.11
N VAL B 355 -2.35 5.49 -27.08
CA VAL B 355 -0.87 5.35 -27.17
C VAL B 355 -0.49 4.05 -26.46
N ILE B 356 0.13 3.13 -27.20
CA ILE B 356 0.66 1.85 -26.67
C ILE B 356 2.18 1.97 -26.78
N ALA B 357 2.91 1.95 -25.65
CA ALA B 357 4.35 2.26 -25.64
C ALA B 357 5.10 1.34 -24.66
N THR B 358 6.22 0.78 -25.13
CA THR B 358 7.22 0.02 -24.32
C THR B 358 6.51 -1.12 -23.61
N ASN B 359 5.88 -2.01 -24.35
CA ASN B 359 5.24 -3.21 -23.77
C ASN B 359 6.05 -4.42 -24.27
N HIS B 360 6.40 -5.33 -23.37
CA HIS B 360 7.10 -6.57 -23.76
C HIS B 360 6.11 -7.72 -23.71
N VAL B 361 5.96 -8.43 -24.84
CA VAL B 361 5.00 -9.55 -24.98
C VAL B 361 5.82 -10.84 -25.17
N ILE B 362 5.44 -11.89 -24.44
CA ILE B 362 5.92 -13.28 -24.64
C ILE B 362 4.68 -14.11 -24.94
N SER B 363 4.71 -14.89 -26.01
CA SER B 363 3.64 -15.89 -26.26
C SER B 363 4.24 -17.18 -26.78
N ASN B 364 3.58 -18.28 -26.48
CA ASN B 364 3.90 -19.65 -26.94
C ASN B 364 3.48 -19.85 -28.41
N VAL B 365 2.61 -19.00 -28.98
CA VAL B 365 2.21 -19.08 -30.41
C VAL B 365 2.39 -17.71 -31.05
N ASP B 366 2.25 -17.62 -32.38
CA ASP B 366 2.24 -16.34 -33.12
C ASP B 366 1.09 -15.50 -32.56
N THR B 367 1.39 -14.26 -32.16
CA THR B 367 0.37 -13.34 -31.60
C THR B 367 0.54 -11.98 -32.25
N GLN B 368 -0.58 -11.26 -32.35
CA GLN B 368 -0.61 -9.81 -32.62
C GLN B 368 -0.55 -9.12 -31.25
N HIS B 369 0.57 -8.45 -30.98
CA HIS B 369 0.79 -7.72 -29.72
C HIS B 369 -0.29 -6.64 -29.61
N VAL B 370 -0.55 -5.96 -30.71
CA VAL B 370 -1.59 -4.90 -30.83
C VAL B 370 -2.43 -5.17 -32.09
N VAL B 371 -3.76 -5.11 -31.92
CA VAL B 371 -4.73 -4.98 -33.04
C VAL B 371 -5.46 -3.67 -32.82
N LEU B 372 -5.57 -2.84 -33.86
CA LEU B 372 -6.39 -1.62 -33.84
C LEU B 372 -7.55 -1.77 -34.83
N ASP B 373 -8.77 -1.66 -34.34
CA ASP B 373 -10.01 -1.75 -35.17
C ASP B 373 -9.95 -0.71 -36.29
N GLY B 374 -10.71 -0.94 -37.38
CA GLY B 374 -10.94 0.08 -38.42
C GLY B 374 -11.36 1.44 -37.84
N SER B 375 -12.13 1.47 -36.75
CA SER B 375 -12.71 2.72 -36.18
C SER B 375 -11.67 3.52 -35.38
N ALA B 376 -10.53 2.93 -35.01
CA ALA B 376 -9.45 3.62 -34.27
C ALA B 376 -8.89 4.76 -35.13
N THR B 377 -8.57 5.89 -34.49
CA THR B 377 -8.01 7.10 -35.13
C THR B 377 -6.84 7.64 -34.31
N ARG B 378 -5.84 8.19 -35.01
CA ARG B 378 -4.68 8.90 -34.42
C ARG B 378 -4.01 8.05 -33.33
N SER B 379 -4.00 6.74 -33.51
CA SER B 379 -3.34 5.76 -32.60
C SER B 379 -1.81 5.84 -32.74
N LYS B 380 -1.08 5.59 -31.65
CA LYS B 380 0.42 5.50 -31.65
C LYS B 380 0.81 4.14 -31.06
N VAL B 381 1.67 3.40 -31.74
CA VAL B 381 2.22 2.12 -31.18
C VAL B 381 3.75 2.22 -31.25
N LEU B 382 4.42 2.25 -30.09
CA LEU B 382 5.89 2.43 -29.98
C LEU B 382 6.46 1.24 -29.22
N ASP B 383 7.49 0.59 -29.77
CA ASP B 383 8.36 -0.35 -29.01
C ASP B 383 7.47 -1.33 -28.24
N SER B 384 6.46 -1.89 -28.90
CA SER B 384 5.58 -2.93 -28.29
C SER B 384 5.56 -4.16 -29.21
N GLY B 385 6.59 -4.32 -30.05
CA GLY B 385 6.74 -5.48 -30.94
C GLY B 385 7.29 -5.13 -32.31
N ALA B 386 7.79 -6.14 -33.03
CA ALA B 386 8.15 -6.05 -34.46
C ALA B 386 6.91 -5.63 -35.26
N ALA B 387 7.10 -4.98 -36.41
CA ALA B 387 6.04 -4.56 -37.36
C ALA B 387 5.03 -5.70 -37.56
N SER B 388 5.54 -6.91 -37.74
CA SER B 388 4.75 -8.14 -38.02
C SER B 388 3.82 -8.50 -36.85
N THR B 389 4.01 -7.90 -35.65
CA THR B 389 3.16 -8.20 -34.46
C THR B 389 2.10 -7.11 -34.24
N ILE B 390 2.06 -6.07 -35.09
CA ILE B 390 1.15 -4.90 -34.91
C ILE B 390 0.20 -4.87 -36.11
N THR B 391 -1.09 -5.09 -35.87
CA THR B 391 -2.16 -5.04 -36.90
C THR B 391 -2.99 -3.77 -36.71
N SER B 392 -2.92 -2.83 -37.64
CA SER B 392 -3.84 -1.67 -37.72
C SER B 392 -4.79 -1.88 -38.90
N TYR B 393 -6.06 -2.19 -38.62
CA TYR B 393 -7.15 -2.09 -39.62
C TYR B 393 -7.43 -0.61 -39.92
N SER B 394 -7.09 0.29 -38.99
CA SER B 394 -7.15 1.77 -39.19
C SER B 394 -6.02 2.18 -40.14
N PRO B 395 -6.27 3.06 -41.14
CA PRO B 395 -5.19 3.53 -42.01
C PRO B 395 -4.22 4.56 -41.38
N ASP B 396 -4.54 5.14 -40.22
CA ASP B 396 -3.81 6.34 -39.72
C ASP B 396 -2.98 6.04 -38.46
N THR B 397 -2.75 4.78 -38.10
CA THR B 397 -1.93 4.42 -36.92
C THR B 397 -0.45 4.71 -37.21
N ALA B 398 0.23 5.45 -36.34
CA ALA B 398 1.71 5.64 -36.40
C ALA B 398 2.39 4.49 -35.64
N ILE B 399 3.27 3.77 -36.31
CA ILE B 399 3.90 2.52 -35.75
C ILE B 399 5.42 2.68 -35.78
N ARG B 400 6.04 2.61 -34.60
CA ARG B 400 7.50 2.37 -34.48
C ARG B 400 7.71 0.95 -33.96
N PRO B 401 8.20 0.04 -34.82
CA PRO B 401 8.52 -1.32 -34.38
C PRO B 401 9.64 -1.30 -33.33
N THR B 402 9.67 -2.29 -32.44
CA THR B 402 10.84 -2.56 -31.58
C THR B 402 12.05 -2.78 -32.50
N PRO B 403 13.19 -2.09 -32.30
CA PRO B 403 14.39 -2.24 -33.15
C PRO B 403 14.89 -3.67 -33.39
N PRO C 1 -11.85 -10.31 29.08
CA PRO C 1 -11.75 -8.98 28.44
C PRO C 1 -12.98 -8.73 27.53
N LEU C 2 -13.22 -9.64 26.59
CA LEU C 2 -14.47 -9.72 25.79
C LEU C 2 -15.22 -10.98 26.25
N ASN C 3 -16.50 -11.13 25.90
CA ASN C 3 -17.32 -12.26 26.40
C ASN C 3 -17.15 -13.49 25.48
N SER C 4 -15.95 -13.71 24.96
CA SER C 4 -15.60 -14.85 24.07
C SER C 4 -14.44 -15.61 24.67
N PRO C 5 -14.47 -16.96 24.68
CA PRO C 5 -13.30 -17.73 25.10
C PRO C 5 -12.17 -17.67 24.07
N ASN C 6 -12.39 -17.02 22.93
CA ASN C 6 -11.42 -16.99 21.78
C ASN C 6 -10.60 -15.71 21.80
N VAL C 7 -10.66 -14.95 22.89
CA VAL C 7 -9.87 -13.69 23.06
C VAL C 7 -9.01 -13.88 24.29
N TYR C 8 -7.70 -13.85 24.12
CA TYR C 8 -6.74 -14.07 25.23
C TYR C 8 -5.89 -12.83 25.41
N ASP C 9 -5.69 -12.46 26.67
CA ASP C 9 -4.74 -11.41 27.08
C ASP C 9 -3.55 -12.15 27.70
N VAL C 10 -2.37 -12.10 27.07
CA VAL C 10 -1.18 -12.85 27.57
C VAL C 10 -0.88 -12.42 29.01
N THR C 11 -1.26 -11.22 29.44
CA THR C 11 -0.92 -10.72 30.81
C THR C 11 -1.94 -11.21 31.85
N ALA C 12 -3.04 -11.84 31.43
CA ALA C 12 -4.10 -12.32 32.35
C ALA C 12 -4.06 -13.86 32.45
N TRP C 13 -3.33 -14.53 31.56
CA TRP C 13 -3.44 -16.01 31.41
C TRP C 13 -2.54 -16.71 32.43
N ARG C 14 -3.11 -17.64 33.20
CA ARG C 14 -2.35 -18.42 34.23
C ARG C 14 -2.27 -19.88 33.74
N ILE C 15 -1.05 -20.44 33.76
CA ILE C 15 -0.80 -21.83 33.31
C ILE C 15 -1.04 -22.73 34.51
N LYS C 16 -2.06 -23.58 34.41
CA LYS C 16 -2.36 -24.60 35.43
C LYS C 16 -1.13 -25.51 35.56
N GLY C 17 -0.64 -25.69 36.78
CA GLY C 17 0.56 -26.50 37.05
C GLY C 17 1.82 -25.68 37.07
N GLN C 18 1.79 -24.43 36.57
CA GLN C 18 2.98 -23.53 36.58
C GLN C 18 2.52 -22.12 36.93
N PRO C 19 2.02 -21.91 38.17
CA PRO C 19 1.32 -20.67 38.52
C PRO C 19 2.22 -19.43 38.61
N LYS C 20 3.54 -19.57 38.68
CA LYS C 20 4.47 -18.41 38.82
C LYS C 20 4.96 -17.94 37.44
N VAL C 21 4.72 -18.70 36.37
CA VAL C 21 5.09 -18.33 34.98
C VAL C 21 4.18 -17.18 34.50
N THR C 22 4.78 -16.09 34.02
CA THR C 22 4.08 -14.89 33.51
C THR C 22 4.49 -14.62 32.06
N ALA C 23 3.76 -13.76 31.37
CA ALA C 23 4.13 -13.29 30.02
C ALA C 23 5.53 -12.67 30.12
N GLU C 24 5.84 -11.98 31.23
CA GLU C 24 7.15 -11.31 31.42
C GLU C 24 8.26 -12.36 31.51
N SER C 25 8.03 -13.46 32.24
CA SER C 25 9.06 -14.49 32.52
C SER C 25 9.24 -15.41 31.29
N ASP C 26 8.15 -15.82 30.62
CA ASP C 26 8.26 -16.69 29.42
C ASP C 26 6.93 -16.63 28.67
N ILE C 27 6.74 -15.58 27.88
CA ILE C 27 5.52 -15.41 27.03
C ILE C 27 5.38 -16.62 26.09
N GLY C 28 6.48 -17.28 25.70
CA GLY C 28 6.38 -18.47 24.83
C GLY C 28 5.60 -19.60 25.51
N ALA C 29 5.85 -19.86 26.79
CA ALA C 29 5.12 -20.88 27.56
C ALA C 29 3.63 -20.48 27.68
N VAL C 30 3.37 -19.21 27.93
CA VAL C 30 1.98 -18.68 28.07
C VAL C 30 1.25 -18.90 26.76
N ILE C 31 1.84 -18.51 25.63
CA ILE C 31 1.15 -18.64 24.32
C ILE C 31 0.96 -20.12 23.98
N ASN C 32 1.96 -20.97 24.22
CA ASN C 32 1.82 -22.44 24.01
C ASN C 32 0.62 -22.95 24.83
N ASP C 33 0.46 -22.48 26.06
CA ASP C 33 -0.64 -22.95 26.94
C ASP C 33 -1.96 -22.44 26.37
N ILE C 34 -1.99 -21.19 25.88
CA ILE C 34 -3.21 -20.61 25.23
C ILE C 34 -3.60 -21.46 24.04
N ILE C 35 -2.64 -21.80 23.18
CA ILE C 35 -2.88 -22.63 21.96
C ILE C 35 -3.43 -24.02 22.38
N ALA C 36 -2.97 -24.59 23.50
CA ALA C 36 -3.50 -25.88 24.02
C ALA C 36 -4.98 -25.70 24.40
N ASP C 37 -5.32 -24.56 25.00
CA ASP C 37 -6.71 -24.25 25.42
C ASP C 37 -7.61 -24.16 24.18
N ILE C 38 -7.16 -23.46 23.14
CA ILE C 38 -7.91 -23.35 21.85
C ILE C 38 -8.19 -24.76 21.32
N LYS C 39 -7.17 -25.62 21.26
CA LYS C 39 -7.31 -26.97 20.65
C LYS C 39 -8.22 -27.85 21.51
N LYS C 40 -8.21 -27.67 22.83
CA LYS C 40 -9.12 -28.41 23.76
C LYS C 40 -10.57 -28.02 23.43
N ARG C 41 -10.86 -26.73 23.26
CA ARG C 41 -12.26 -26.26 23.07
C ARG C 41 -12.67 -26.47 21.61
N GLN C 42 -11.76 -26.21 20.68
CA GLN C 42 -12.05 -26.22 19.23
C GLN C 42 -11.67 -27.60 18.70
N SER C 43 -12.53 -28.61 18.92
CA SER C 43 -12.16 -30.04 18.94
C SER C 43 -12.66 -30.80 17.71
N THR C 44 -13.26 -30.14 16.72
CA THR C 44 -13.72 -30.78 15.45
C THR C 44 -13.38 -29.87 14.27
N PRO C 45 -13.25 -30.44 13.04
CA PRO C 45 -12.96 -29.67 11.84
C PRO C 45 -14.00 -28.62 11.44
N GLU C 46 -15.16 -28.59 12.11
CA GLU C 46 -16.20 -27.56 11.85
C GLU C 46 -16.38 -26.65 13.07
N THR C 47 -15.53 -26.75 14.09
CA THR C 47 -15.59 -25.85 15.28
C THR C 47 -14.20 -25.28 15.57
N ARG C 48 -13.45 -24.91 14.53
CA ARG C 48 -12.07 -24.36 14.69
C ARG C 48 -11.95 -23.00 14.00
N PRO C 49 -12.63 -21.95 14.51
CA PRO C 49 -12.49 -20.60 13.94
C PRO C 49 -11.23 -19.86 14.38
N GLY C 50 -10.48 -20.42 15.33
CA GLY C 50 -9.24 -19.83 15.88
C GLY C 50 -9.54 -18.82 16.97
N ALA C 51 -8.65 -17.84 17.13
CA ALA C 51 -8.58 -17.01 18.34
C ALA C 51 -7.60 -15.85 18.15
N VAL C 52 -7.65 -14.88 19.05
CA VAL C 52 -6.71 -13.74 19.06
C VAL C 52 -6.00 -13.80 20.41
N VAL C 53 -4.67 -13.66 20.34
CA VAL C 53 -3.76 -13.46 21.49
C VAL C 53 -3.29 -12.00 21.48
N ILE C 54 -3.68 -11.26 22.52
CA ILE C 54 -3.40 -9.80 22.66
C ILE C 54 -2.17 -9.64 23.55
N ILE C 55 -1.19 -8.86 23.08
CA ILE C 55 0.07 -8.55 23.80
C ILE C 55 0.06 -7.06 24.12
N PRO C 56 -0.25 -6.63 25.38
CA PRO C 56 -0.14 -5.23 25.73
C PRO C 56 1.30 -4.76 25.56
N PRO C 57 1.55 -3.43 25.46
CA PRO C 57 2.91 -2.92 25.48
C PRO C 57 3.58 -3.40 26.78
N GLY C 58 4.87 -3.70 26.72
CA GLY C 58 5.64 -4.25 27.83
C GLY C 58 6.86 -5.00 27.33
N ASP C 59 7.76 -5.36 28.24
CA ASP C 59 8.97 -6.18 27.95
C ASP C 59 8.68 -7.61 28.40
N TYR C 60 8.68 -8.54 27.46
CA TYR C 60 8.39 -9.97 27.67
C TYR C 60 9.60 -10.78 27.20
N ASP C 61 10.09 -11.71 28.02
CA ASP C 61 11.11 -12.69 27.59
C ASP C 61 10.38 -13.88 27.00
N LEU C 62 10.85 -14.35 25.84
CA LEU C 62 10.38 -15.61 25.22
C LEU C 62 11.54 -16.59 25.29
N HIS C 63 11.39 -17.64 26.12
CA HIS C 63 12.39 -18.73 26.29
C HIS C 63 11.94 -19.96 25.52
N THR C 64 10.63 -20.21 25.45
CA THR C 64 10.05 -21.41 24.83
C THR C 64 9.51 -21.06 23.44
N GLN C 65 10.03 -21.73 22.41
CA GLN C 65 9.50 -21.59 21.04
C GLN C 65 7.99 -21.81 21.04
N VAL C 66 7.24 -20.92 20.41
CA VAL C 66 5.78 -21.09 20.19
C VAL C 66 5.56 -21.87 18.89
N VAL C 67 4.80 -22.95 18.96
CA VAL C 67 4.41 -23.75 17.76
C VAL C 67 2.99 -23.35 17.42
N VAL C 68 2.82 -22.67 16.29
CA VAL C 68 1.49 -22.25 15.80
C VAL C 68 1.04 -23.32 14.81
N ASP C 69 0.06 -24.14 15.19
CA ASP C 69 -0.45 -25.25 14.34
C ASP C 69 -1.96 -25.15 14.25
N VAL C 70 -2.53 -23.97 14.46
CA VAL C 70 -4.01 -23.79 14.31
C VAL C 70 -4.29 -22.69 13.30
N ASP C 71 -5.35 -22.88 12.55
CA ASP C 71 -5.80 -21.94 11.50
C ASP C 71 -6.36 -20.70 12.20
N TYR C 72 -6.23 -19.53 11.56
CA TYR C 72 -6.93 -18.29 11.99
C TYR C 72 -6.50 -17.92 13.41
N LEU C 73 -5.24 -18.21 13.79
CA LEU C 73 -4.65 -17.60 15.01
C LEU C 73 -4.15 -16.19 14.65
N THR C 74 -4.64 -15.19 15.39
CA THR C 74 -4.12 -13.80 15.32
C THR C 74 -3.29 -13.56 16.59
N ILE C 75 -2.05 -13.13 16.41
CA ILE C 75 -1.23 -12.63 17.55
C ILE C 75 -0.98 -11.15 17.29
N ALA C 76 -1.48 -10.29 18.18
CA ALA C 76 -1.54 -8.83 17.96
C ALA C 76 -1.05 -8.08 19.20
N GLY C 77 -0.16 -7.11 18.98
CA GLY C 77 0.19 -6.10 19.99
C GLY C 77 -0.37 -4.74 19.64
N PHE C 78 0.21 -3.69 20.19
CA PHE C 78 -0.24 -2.30 19.98
C PHE C 78 0.90 -1.43 19.46
N GLY C 79 2.06 -2.01 19.10
CA GLY C 79 3.22 -1.22 18.64
C GLY C 79 4.41 -2.05 18.18
N HIS C 80 5.07 -1.62 17.09
CA HIS C 80 6.23 -2.30 16.44
C HIS C 80 7.53 -2.06 17.24
N GLY C 81 7.56 -1.00 18.06
CA GLY C 81 8.56 -0.74 19.11
C GLY C 81 10.00 -0.65 18.60
N PHE C 82 10.21 -0.35 17.32
CA PHE C 82 11.55 -0.41 16.72
C PHE C 82 12.50 0.61 17.38
N PHE C 83 13.71 0.16 17.65
CA PHE C 83 14.83 0.95 18.21
C PHE C 83 16.11 0.46 17.54
N SER C 84 16.97 1.38 17.12
CA SER C 84 18.29 1.05 16.52
C SER C 84 19.26 0.56 17.61
N ARG C 85 19.30 -0.75 17.82
CA ARG C 85 20.35 -1.35 18.68
C ARG C 85 21.72 -1.14 18.01
N SER C 86 21.76 -0.99 16.69
CA SER C 86 23.02 -0.86 15.93
C SER C 86 23.73 0.45 16.32
N ILE C 87 23.00 1.56 16.32
CA ILE C 87 23.55 2.87 16.77
C ILE C 87 23.93 2.76 18.25
N LYS C 88 23.03 2.24 19.08
CA LYS C 88 23.23 2.05 20.55
C LYS C 88 24.54 1.28 20.77
N ASP C 89 24.74 0.18 20.06
CA ASP C 89 25.87 -0.75 20.32
C ASP C 89 27.21 -0.08 19.95
N ASN C 90 27.22 1.01 19.18
CA ASN C 90 28.44 1.54 18.52
C ASN C 90 28.73 3.00 18.93
N VAL C 91 27.93 3.61 19.80
CA VAL C 91 28.20 5.03 20.23
C VAL C 91 28.20 5.10 21.76
N ASP C 92 28.56 6.26 22.27
CA ASP C 92 28.53 6.60 23.72
C ASP C 92 27.06 6.84 24.10
N THR C 93 26.47 5.95 24.90
CA THR C 93 25.03 6.06 25.25
C THR C 93 24.88 6.79 26.60
N THR C 94 25.87 7.58 27.04
CA THR C 94 25.81 8.27 28.36
C THR C 94 24.63 9.24 28.35
N GLY C 95 23.71 9.10 29.32
CA GLY C 95 22.54 9.97 29.48
C GLY C 95 21.40 9.65 28.52
N TRP C 96 21.50 8.57 27.73
CA TRP C 96 20.42 8.12 26.81
C TRP C 96 19.17 7.75 27.62
N LEU C 97 18.00 8.17 27.16
CA LEU C 97 16.73 7.98 27.91
C LEU C 97 16.14 6.59 27.60
N ASN C 98 16.62 5.92 26.56
CA ASN C 98 16.16 4.54 26.25
C ASN C 98 17.31 3.76 25.63
N LEU C 99 17.35 2.46 25.89
CA LEU C 99 18.48 1.60 25.47
C LEU C 99 17.98 0.33 24.79
N GLN C 100 16.66 0.14 24.57
CA GLN C 100 16.18 -1.10 23.92
C GLN C 100 14.87 -0.84 23.20
N PRO C 101 14.48 -1.73 22.26
CA PRO C 101 13.16 -1.66 21.65
C PRO C 101 12.05 -1.75 22.70
N GLY C 102 10.82 -1.41 22.29
CA GLY C 102 9.64 -1.46 23.17
C GLY C 102 8.39 -1.85 22.40
N GLY C 103 7.31 -1.08 22.64
CA GLY C 103 5.95 -1.43 22.21
C GLY C 103 5.54 -2.76 22.84
N SER C 104 4.92 -3.63 22.05
CA SER C 104 4.58 -5.01 22.43
C SER C 104 5.84 -5.85 22.22
N HIS C 105 6.75 -5.78 23.19
CA HIS C 105 8.20 -6.10 23.04
C HIS C 105 8.51 -7.53 23.47
N ILE C 106 8.72 -8.44 22.52
CA ILE C 106 9.15 -9.82 22.80
C ILE C 106 10.66 -9.91 22.61
N ARG C 107 11.38 -10.14 23.70
CA ARG C 107 12.84 -10.43 23.65
CA ARG C 107 12.84 -10.43 23.67
C ARG C 107 13.01 -11.92 23.32
N VAL C 108 13.62 -12.22 22.18
CA VAL C 108 13.74 -13.63 21.69
C VAL C 108 14.95 -14.27 22.37
N LEU C 109 14.70 -15.14 23.35
CA LEU C 109 15.75 -15.81 24.17
C LEU C 109 15.58 -17.31 24.04
N THR C 110 15.42 -17.78 22.81
CA THR C 110 15.12 -19.18 22.48
C THR C 110 16.39 -20.01 22.67
N PRO C 111 16.26 -21.34 22.92
CA PRO C 111 17.42 -22.22 22.97
C PRO C 111 17.98 -22.45 21.56
N PRO C 112 19.31 -22.68 21.41
CA PRO C 112 19.91 -22.95 20.10
C PRO C 112 19.26 -24.05 19.24
N THR C 113 18.66 -25.06 19.86
CA THR C 113 18.01 -26.23 19.20
C THR C 113 16.52 -25.97 18.88
N SER C 114 15.93 -24.86 19.34
CA SER C 114 14.55 -24.45 18.92
C SER C 114 14.53 -22.92 18.84
N PRO C 115 15.34 -22.35 17.91
CA PRO C 115 15.70 -20.93 17.97
C PRO C 115 14.62 -19.96 17.46
N GLN C 116 13.68 -20.43 16.64
CA GLN C 116 12.64 -19.56 16.04
C GLN C 116 11.62 -19.21 17.14
N ALA C 117 11.33 -17.92 17.38
CA ALA C 117 10.36 -17.50 18.43
C ALA C 117 9.00 -18.12 18.12
N PHE C 118 8.55 -18.01 16.86
CA PHE C 118 7.27 -18.57 16.38
C PHE C 118 7.58 -19.52 15.23
N LEU C 119 7.28 -20.81 15.44
CA LEU C 119 7.34 -21.85 14.38
C LEU C 119 5.91 -22.15 13.97
N VAL C 120 5.56 -21.81 12.73
CA VAL C 120 4.21 -22.03 12.16
C VAL C 120 4.30 -23.28 11.29
N ARG C 121 3.68 -24.36 11.75
CA ARG C 121 3.91 -25.70 11.16
C ARG C 121 2.76 -26.63 11.59
N ARG C 122 2.24 -27.37 10.64
CA ARG C 122 1.27 -28.46 10.91
C ARG C 122 1.63 -29.64 10.01
N ASP C 123 1.70 -30.83 10.60
CA ASP C 123 1.75 -32.12 9.89
C ASP C 123 0.30 -32.49 9.58
N GLY C 124 -0.03 -32.64 8.31
CA GLY C 124 -1.40 -32.99 7.89
C GLY C 124 -2.00 -31.87 7.09
N SER C 125 -3.32 -31.93 6.93
CA SER C 125 -4.10 -31.18 5.92
C SER C 125 -5.30 -30.52 6.58
N PRO C 126 -5.82 -29.42 6.01
CA PRO C 126 -5.24 -28.80 4.81
C PRO C 126 -4.09 -27.84 5.14
N ARG C 127 -3.72 -26.96 4.22
CA ARG C 127 -2.72 -25.89 4.51
C ARG C 127 -3.18 -25.11 5.75
N LEU C 128 -2.25 -24.70 6.60
CA LEU C 128 -2.54 -23.68 7.65
C LEU C 128 -3.02 -22.40 6.94
N SER C 129 -4.15 -21.88 7.38
CA SER C 129 -4.89 -20.78 6.69
C SER C 129 -5.09 -19.60 7.63
N GLY C 130 -4.88 -18.40 7.12
CA GLY C 130 -5.46 -17.18 7.70
C GLY C 130 -4.83 -16.80 9.02
N ILE C 131 -3.58 -17.16 9.22
CA ILE C 131 -2.84 -16.76 10.45
C ILE C 131 -2.42 -15.30 10.28
N VAL C 132 -2.56 -14.52 11.34
CA VAL C 132 -2.20 -13.07 11.37
C VAL C 132 -1.19 -12.80 12.48
N PHE C 133 -0.05 -12.22 12.11
CA PHE C 133 0.88 -11.59 13.07
C PHE C 133 0.83 -10.08 12.81
N LYS C 134 0.54 -9.28 13.84
CA LYS C 134 0.51 -7.81 13.63
C LYS C 134 0.91 -7.03 14.90
N ASP C 135 1.51 -5.87 14.66
CA ASP C 135 1.60 -4.76 15.65
C ASP C 135 2.35 -5.25 16.88
N PHE C 136 3.38 -6.09 16.73
CA PHE C 136 4.30 -6.33 17.86
C PHE C 136 5.76 -6.36 17.39
N CYS C 137 6.63 -6.44 18.37
CA CYS C 137 8.09 -6.30 18.20
C CYS C 137 8.77 -7.62 18.51
N LEU C 138 9.57 -8.13 17.58
CA LEU C 138 10.43 -9.31 17.84
C LEU C 138 11.89 -8.83 17.83
N ASP C 139 12.56 -8.99 18.97
CA ASP C 139 13.90 -8.42 19.28
C ASP C 139 14.87 -9.54 19.65
N GLY C 140 15.93 -9.75 18.87
CA GLY C 140 16.95 -10.79 19.14
C GLY C 140 17.95 -10.39 20.22
N VAL C 141 17.87 -9.14 20.70
CA VAL C 141 18.55 -8.58 21.91
C VAL C 141 20.03 -8.31 21.61
N SER C 142 20.76 -9.28 21.06
CA SER C 142 22.23 -9.15 20.84
C SER C 142 22.69 -9.96 19.62
N PHE C 143 23.75 -9.49 18.98
CA PHE C 143 24.54 -10.27 18.01
C PHE C 143 25.81 -10.72 18.73
N VAL C 144 26.38 -11.86 18.33
CA VAL C 144 27.61 -12.48 18.91
C VAL C 144 28.58 -12.78 17.77
N PRO C 145 29.92 -12.80 18.01
CA PRO C 145 30.51 -12.46 19.30
C PRO C 145 30.47 -10.98 19.68
N ASP C 146 30.03 -10.10 18.77
CA ASP C 146 29.84 -8.65 19.04
C ASP C 146 28.58 -8.13 18.29
N GLY C 147 28.16 -6.90 18.63
CA GLY C 147 26.95 -6.24 18.10
C GLY C 147 26.94 -6.10 16.59
N ASN C 148 28.08 -6.24 15.90
CA ASN C 148 28.15 -5.94 14.45
C ASN C 148 28.21 -7.21 13.60
N SER C 149 28.09 -8.40 14.19
CA SER C 149 28.25 -9.68 13.45
C SER C 149 27.00 -9.98 12.60
N TYR C 150 25.84 -9.46 12.99
CA TYR C 150 24.53 -9.89 12.43
C TYR C 150 24.32 -11.40 12.60
N LYS C 151 24.95 -12.02 13.60
CA LYS C 151 24.79 -13.48 13.85
C LYS C 151 24.27 -13.72 15.27
N ASN C 152 23.26 -14.59 15.42
CA ASN C 152 22.77 -15.08 16.74
C ASN C 152 21.91 -16.34 16.62
N GLY C 153 21.69 -16.86 15.41
CA GLY C 153 20.94 -18.12 15.15
C GLY C 153 19.45 -18.01 15.42
N LYS C 154 18.95 -16.82 15.75
CA LYS C 154 17.53 -16.61 16.12
C LYS C 154 16.71 -16.20 14.91
N THR C 155 15.47 -16.68 14.85
CA THR C 155 14.46 -16.32 13.82
C THR C 155 13.26 -15.72 14.55
N GLY C 156 12.60 -14.70 13.98
CA GLY C 156 11.35 -14.17 14.54
C GLY C 156 10.18 -15.10 14.26
N ILE C 157 9.82 -15.24 12.99
CA ILE C 157 8.66 -16.06 12.54
C ILE C 157 9.16 -16.96 11.42
N ASP C 158 8.95 -18.26 11.57
CA ASP C 158 9.36 -19.29 10.59
C ASP C 158 8.11 -20.09 10.25
N VAL C 159 7.58 -19.92 9.05
CA VAL C 159 6.44 -20.71 8.53
C VAL C 159 7.06 -21.85 7.71
N ALA C 160 6.92 -23.07 8.22
CA ALA C 160 7.64 -24.27 7.74
C ALA C 160 6.69 -25.27 7.07
N SER C 161 5.38 -25.02 7.04
CA SER C 161 4.33 -25.84 6.37
C SER C 161 3.68 -25.01 5.27
N ASP C 162 3.13 -25.67 4.24
CA ASP C 162 2.37 -24.99 3.16
C ASP C 162 1.25 -24.15 3.80
N ASN C 163 1.07 -22.93 3.32
CA ASN C 163 0.19 -21.97 4.02
C ASN C 163 -0.60 -21.17 2.98
N ASP C 164 -1.75 -20.65 3.40
CA ASP C 164 -2.68 -19.89 2.55
C ASP C 164 -3.12 -18.64 3.32
N SER C 165 -3.05 -17.46 2.70
CA SER C 165 -3.71 -16.23 3.21
C SER C 165 -3.15 -15.86 4.58
N ILE C 166 -1.86 -16.04 4.82
CA ILE C 166 -1.20 -15.46 6.02
C ILE C 166 -1.00 -13.96 5.78
N HIS C 167 -1.06 -13.20 6.86
CA HIS C 167 -1.00 -11.71 6.84
C HIS C 167 -0.05 -11.29 7.97
N ILE C 168 1.05 -10.65 7.58
CA ILE C 168 2.08 -10.10 8.50
C ILE C 168 2.11 -8.57 8.28
N THR C 169 1.69 -7.80 9.28
CA THR C 169 1.49 -6.35 9.10
C THR C 169 1.82 -5.60 10.40
N GLY C 170 2.38 -4.40 10.29
CA GLY C 170 2.63 -3.50 11.42
C GLY C 170 3.62 -4.06 12.44
N MET C 171 4.43 -5.04 12.04
CA MET C 171 5.41 -5.70 12.93
C MET C 171 6.67 -4.83 13.01
N GLY C 172 7.41 -5.02 14.09
CA GLY C 172 8.82 -4.60 14.22
C GLY C 172 9.71 -5.81 14.41
N PHE C 173 10.78 -5.93 13.63
CA PHE C 173 11.81 -6.98 13.78
C PHE C 173 13.15 -6.26 13.92
N VAL C 174 13.98 -6.67 14.88
CA VAL C 174 15.30 -6.03 15.13
C VAL C 174 16.24 -7.07 15.75
N TYR C 175 17.46 -7.14 15.22
CA TYR C 175 18.58 -7.91 15.84
C TYR C 175 18.25 -9.41 15.87
N LEU C 176 17.61 -9.88 14.81
CA LEU C 176 17.39 -11.32 14.57
C LEU C 176 18.26 -11.74 13.40
N GLU C 177 18.89 -12.92 13.46
CA GLU C 177 19.64 -13.41 12.29
C GLU C 177 18.68 -13.60 11.12
N HIS C 178 17.44 -14.00 11.41
CA HIS C 178 16.37 -14.15 10.39
C HIS C 178 15.09 -13.57 10.96
N ALA C 179 14.55 -12.51 10.34
CA ALA C 179 13.33 -11.85 10.86
C ALA C 179 12.14 -12.75 10.55
N LEU C 180 11.90 -12.97 9.25
CA LEU C 180 10.69 -13.66 8.75
C LEU C 180 11.09 -14.67 7.68
N ILE C 181 10.64 -15.91 7.83
CA ILE C 181 10.82 -16.94 6.79
C ILE C 181 9.44 -17.53 6.50
N VAL C 182 9.09 -17.66 5.23
CA VAL C 182 7.81 -18.30 4.81
C VAL C 182 8.09 -19.23 3.63
N ARG C 183 8.03 -20.53 3.92
CA ARG C 183 8.12 -21.63 2.92
C ARG C 183 6.72 -21.95 2.36
N GLY C 184 6.60 -22.13 1.05
CA GLY C 184 5.37 -22.56 0.36
C GLY C 184 4.23 -21.57 0.53
N ALA C 185 4.53 -20.28 0.40
CA ALA C 185 3.58 -19.19 0.64
C ALA C 185 2.59 -19.13 -0.52
N ASP C 186 1.31 -19.11 -0.17
CA ASP C 186 0.22 -18.92 -1.15
C ASP C 186 -0.64 -17.76 -0.65
N ALA C 187 -0.83 -16.74 -1.46
CA ALA C 187 -1.68 -15.57 -1.11
C ALA C 187 -1.20 -15.01 0.24
N LEU C 188 0.12 -14.94 0.42
CA LEU C 188 0.74 -14.28 1.59
C LEU C 188 0.74 -12.77 1.37
N ARG C 189 0.55 -12.00 2.43
CA ARG C 189 0.77 -10.55 2.44
C ARG C 189 1.77 -10.17 3.54
N VAL C 190 2.92 -9.62 3.13
CA VAL C 190 3.91 -9.01 4.05
C VAL C 190 3.83 -7.51 3.82
N HIS C 191 3.13 -6.81 4.70
CA HIS C 191 2.58 -5.46 4.40
C HIS C 191 2.90 -4.49 5.55
N ASP C 192 3.57 -3.36 5.26
CA ASP C 192 3.65 -2.22 6.23
C ASP C 192 4.31 -2.69 7.54
N ASN C 193 5.46 -3.33 7.41
CA ASN C 193 6.31 -3.79 8.55
C ASN C 193 7.62 -2.99 8.55
N MET C 194 8.25 -2.93 9.71
CA MET C 194 9.63 -2.43 9.92
C MET C 194 10.51 -3.64 10.20
N VAL C 195 11.38 -4.02 9.25
CA VAL C 195 12.28 -5.21 9.38
C VAL C 195 13.70 -4.71 9.18
N ALA C 196 14.43 -4.36 10.24
CA ALA C 196 15.73 -3.67 10.12
C ALA C 196 16.73 -4.14 11.17
N GLU C 197 18.00 -4.09 10.80
CA GLU C 197 19.14 -4.53 11.65
C GLU C 197 18.93 -6.01 12.02
N CYS C 198 18.45 -6.78 11.05
CA CYS C 198 18.42 -8.26 11.06
C CYS C 198 19.43 -8.75 10.03
N GLY C 199 19.99 -9.94 10.23
CA GLY C 199 20.93 -10.56 9.27
C GLY C 199 20.27 -10.81 7.93
N ASN C 200 19.02 -11.27 7.99
CA ASN C 200 18.12 -11.56 6.86
C ASN C 200 16.74 -11.03 7.24
N CYS C 201 16.04 -10.39 6.31
CA CYS C 201 14.76 -9.74 6.63
C CYS C 201 13.60 -10.68 6.28
N VAL C 202 13.38 -10.93 4.99
CA VAL C 202 12.18 -11.71 4.52
C VAL C 202 12.63 -12.74 3.50
N GLU C 203 12.53 -14.02 3.86
CA GLU C 203 12.91 -15.15 3.00
C GLU C 203 11.65 -15.93 2.63
N LEU C 204 11.25 -15.84 1.37
CA LEU C 204 10.11 -16.57 0.76
C LEU C 204 10.68 -17.79 0.02
N THR C 205 10.73 -18.93 0.71
CA THR C 205 11.52 -20.13 0.33
C THR C 205 10.63 -21.21 -0.28
N GLY C 206 11.25 -22.19 -0.95
CA GLY C 206 10.60 -23.39 -1.47
C GLY C 206 9.94 -23.10 -2.80
N ALA C 207 8.81 -22.41 -2.73
CA ALA C 207 7.97 -22.04 -3.88
C ALA C 207 6.88 -21.09 -3.35
N GLY C 208 6.12 -20.48 -4.23
CA GLY C 208 5.00 -19.65 -3.78
C GLY C 208 4.15 -19.18 -4.92
N GLN C 209 2.97 -18.66 -4.57
CA GLN C 209 1.95 -18.17 -5.52
C GLN C 209 1.31 -16.90 -4.97
N ALA C 210 0.95 -15.96 -5.84
CA ALA C 210 -0.02 -14.88 -5.57
C ALA C 210 0.34 -14.15 -4.27
N THR C 211 1.60 -13.80 -4.05
CA THR C 211 2.07 -13.12 -2.81
C THR C 211 2.22 -11.62 -3.09
N ILE C 212 2.02 -10.80 -2.06
CA ILE C 212 2.30 -9.33 -2.12
C ILE C 212 3.25 -9.00 -0.97
N VAL C 213 4.39 -8.38 -1.32
CA VAL C 213 5.31 -7.75 -0.34
C VAL C 213 5.25 -6.25 -0.60
N SER C 214 4.66 -5.47 0.31
CA SER C 214 4.31 -4.05 0.03
C SER C 214 4.49 -3.16 1.25
N ASP C 215 4.97 -1.94 1.00
CA ASP C 215 4.90 -0.80 1.95
C ASP C 215 5.79 -1.08 3.18
N ASN C 216 6.82 -1.91 3.03
CA ASN C 216 7.73 -2.24 4.16
C ASN C 216 8.99 -1.39 4.11
N LEU C 217 9.53 -1.13 5.29
CA LEU C 217 10.92 -0.64 5.51
C LEU C 217 11.76 -1.85 5.85
N MET C 218 12.82 -2.08 5.07
CA MET C 218 13.71 -3.25 5.34
C MET C 218 15.18 -2.86 5.21
N GLY C 219 16.01 -3.36 6.14
CA GLY C 219 17.48 -3.27 6.04
C GLY C 219 18.10 -4.48 6.71
N ALA C 220 19.02 -5.16 6.03
CA ALA C 220 19.60 -6.43 6.52
C ALA C 220 21.11 -6.25 6.79
N GLY C 221 21.84 -7.35 6.85
CA GLY C 221 23.29 -7.38 7.12
C GLY C 221 24.05 -7.97 5.95
N PRO C 222 25.39 -7.74 5.88
CA PRO C 222 26.15 -7.94 4.65
C PRO C 222 26.31 -9.39 4.18
N GLU C 223 26.01 -10.37 5.04
CA GLU C 223 26.02 -11.80 4.65
C GLU C 223 24.59 -12.31 4.43
N GLY C 224 23.56 -11.47 4.52
CA GLY C 224 22.19 -11.96 4.39
C GLY C 224 21.40 -11.21 3.33
N VAL C 225 20.14 -11.62 3.20
CA VAL C 225 19.21 -11.10 2.17
C VAL C 225 18.27 -10.10 2.84
N THR C 226 17.78 -9.14 2.04
CA THR C 226 16.70 -8.24 2.47
C THR C 226 15.40 -8.94 2.10
N LEU C 227 15.03 -8.95 0.82
CA LEU C 227 13.95 -9.84 0.33
C LEU C 227 14.55 -10.91 -0.55
N LEU C 228 14.27 -12.16 -0.19
CA LEU C 228 14.61 -13.34 -1.01
C LEU C 228 13.31 -14.04 -1.41
N ALA C 229 13.16 -14.41 -2.68
CA ALA C 229 12.09 -15.33 -3.10
C ALA C 229 12.70 -16.45 -3.94
N GLU C 230 12.26 -17.68 -3.66
CA GLU C 230 12.71 -18.91 -4.37
C GLU C 230 11.50 -19.53 -5.07
N ASN C 231 11.57 -19.69 -6.39
CA ASN C 231 10.56 -20.41 -7.19
C ASN C 231 9.17 -19.80 -6.97
N HIS C 232 9.06 -18.48 -6.83
CA HIS C 232 7.76 -17.78 -6.74
C HIS C 232 7.19 -17.57 -8.14
N GLU C 233 5.87 -17.66 -8.24
CA GLU C 233 5.07 -17.32 -9.43
C GLU C 233 4.11 -16.20 -9.01
N GLY C 234 4.09 -15.08 -9.75
CA GLY C 234 3.12 -13.99 -9.52
C GLY C 234 3.33 -13.29 -8.19
N LEU C 235 4.57 -13.21 -7.72
CA LEU C 235 4.95 -12.39 -6.55
C LEU C 235 4.94 -10.92 -6.97
N LEU C 236 4.29 -10.07 -6.19
CA LEU C 236 4.25 -8.60 -6.44
C LEU C 236 4.98 -7.89 -5.31
N VAL C 237 6.03 -7.15 -5.67
CA VAL C 237 6.89 -6.44 -4.69
C VAL C 237 6.75 -4.94 -5.01
N THR C 238 6.05 -4.19 -4.18
CA THR C 238 5.70 -2.79 -4.50
C THR C 238 5.67 -1.90 -3.25
N GLY C 239 6.12 -0.65 -3.38
CA GLY C 239 5.98 0.37 -2.33
C GLY C 239 6.94 0.15 -1.17
N ASN C 240 7.97 -0.68 -1.35
CA ASN C 240 8.97 -0.96 -0.29
C ASN C 240 10.12 0.04 -0.36
N ASN C 241 10.65 0.34 0.82
CA ASN C 241 11.89 1.15 0.98
C ASN C 241 12.95 0.21 1.54
N PHE C 242 13.81 -0.32 0.64
CA PHE C 242 14.95 -1.20 0.95
C PHE C 242 16.20 -0.32 1.11
N PHE C 243 16.84 -0.40 2.27
CA PHE C 243 18.06 0.36 2.61
C PHE C 243 19.10 -0.65 3.07
N PRO C 244 20.36 -0.23 3.25
CA PRO C 244 21.44 -1.17 3.58
C PRO C 244 21.23 -1.91 4.90
N ARG C 245 21.97 -3.00 5.10
CA ARG C 245 23.19 -3.33 4.35
C ARG C 245 23.24 -4.85 4.06
N GLY C 246 22.16 -5.40 3.53
CA GLY C 246 22.10 -6.79 3.05
C GLY C 246 23.14 -7.04 1.96
N ARG C 247 23.50 -8.28 1.75
CA ARG C 247 24.37 -8.64 0.59
C ARG C 247 23.66 -8.19 -0.69
N SER C 248 22.34 -8.26 -0.66
CA SER C 248 21.43 -7.87 -1.75
C SER C 248 20.20 -7.25 -1.09
N LEU C 249 19.41 -6.51 -1.86
CA LEU C 249 18.12 -5.89 -1.43
C LEU C 249 16.98 -6.73 -1.96
N LEU C 250 17.10 -7.23 -3.17
CA LEU C 250 16.09 -8.13 -3.75
C LEU C 250 16.83 -9.25 -4.49
N GLU C 251 16.52 -10.47 -4.10
CA GLU C 251 17.16 -11.66 -4.69
C GLU C 251 16.04 -12.64 -5.07
N PHE C 252 15.83 -12.86 -6.36
CA PHE C 252 14.92 -13.91 -6.89
C PHE C 252 15.77 -15.05 -7.42
N THR C 253 15.41 -16.30 -7.09
CA THR C 253 16.07 -17.48 -7.70
C THR C 253 14.97 -18.36 -8.28
N GLY C 254 14.99 -18.57 -9.59
CA GLY C 254 14.01 -19.40 -10.31
C GLY C 254 12.60 -18.81 -10.23
N CYS C 255 12.48 -17.48 -10.08
CA CYS C 255 11.16 -16.82 -9.99
C CYS C 255 10.67 -16.46 -11.39
N ASN C 256 9.40 -16.71 -11.66
CA ASN C 256 8.81 -16.43 -13.00
C ASN C 256 7.56 -15.59 -12.84
N ARG C 257 7.36 -14.69 -13.80
CA ARG C 257 6.09 -13.94 -13.98
C ARG C 257 5.80 -13.23 -12.64
N CYS C 258 6.83 -12.61 -12.09
CA CYS C 258 6.78 -11.76 -10.87
C CYS C 258 7.00 -10.30 -11.29
N SER C 259 6.66 -9.40 -10.38
CA SER C 259 6.72 -7.94 -10.62
C SER C 259 7.33 -7.21 -9.43
N VAL C 260 8.33 -6.38 -9.74
CA VAL C 260 9.05 -5.51 -8.77
C VAL C 260 8.92 -4.09 -9.30
N THR C 261 8.03 -3.31 -8.69
CA THR C 261 7.60 -2.01 -9.24
C THR C 261 7.36 -1.04 -8.09
N SER C 262 7.79 0.21 -8.26
CA SER C 262 7.50 1.35 -7.35
C SER C 262 8.13 1.09 -5.98
N ASN C 263 9.40 0.68 -5.98
CA ASN C 263 10.21 0.52 -4.76
C ASN C 263 11.36 1.52 -4.79
N ARG C 264 11.94 1.75 -3.62
CA ARG C 264 13.18 2.53 -3.43
C ARG C 264 14.22 1.54 -2.92
N PHE C 265 15.38 1.49 -3.57
CA PHE C 265 16.53 0.61 -3.25
C PHE C 265 17.76 1.47 -2.99
N GLN C 266 18.31 1.43 -1.78
CA GLN C 266 19.64 1.99 -1.47
C GLN C 266 20.58 0.88 -0.96
N GLY C 267 21.71 0.68 -1.64
CA GLY C 267 22.71 -0.31 -1.25
C GLY C 267 24.11 0.27 -1.28
N PHE C 268 25.01 -0.34 -0.52
CA PHE C 268 26.43 0.06 -0.38
C PHE C 268 27.34 -0.97 -1.06
N TYR C 269 26.80 -2.02 -1.68
CA TYR C 269 27.60 -3.07 -2.37
C TYR C 269 27.00 -3.37 -3.74
N PRO C 270 27.81 -3.94 -4.67
CA PRO C 270 27.26 -4.45 -5.93
C PRO C 270 26.23 -5.55 -5.63
N GLY C 271 25.42 -5.87 -6.64
CA GLY C 271 24.43 -6.96 -6.58
C GLY C 271 23.26 -6.61 -5.68
N MET C 272 22.77 -5.37 -5.74
CA MET C 272 21.61 -4.94 -4.93
C MET C 272 20.36 -5.71 -5.38
N MET C 273 20.24 -5.97 -6.69
CA MET C 273 19.11 -6.76 -7.20
C MET C 273 19.67 -7.91 -8.01
N ARG C 274 19.24 -9.13 -7.70
CA ARG C 274 19.71 -10.35 -8.40
C ARG C 274 18.51 -11.16 -8.85
N LEU C 275 18.40 -11.42 -10.15
CA LEU C 275 17.46 -12.42 -10.72
C LEU C 275 18.31 -13.59 -11.20
N LEU C 276 18.29 -14.68 -10.43
CA LEU C 276 19.31 -15.75 -10.52
C LEU C 276 18.68 -17.03 -11.04
N ASN C 277 19.50 -17.86 -11.70
CA ASN C 277 19.17 -19.28 -11.93
C ASN C 277 17.97 -19.38 -12.88
N GLY C 278 17.84 -18.45 -13.82
CA GLY C 278 16.88 -18.55 -14.92
C GLY C 278 15.51 -17.98 -14.56
N CYS C 279 15.44 -16.77 -14.02
CA CYS C 279 14.15 -16.07 -13.78
C CYS C 279 13.55 -15.61 -15.11
N LYS C 280 12.30 -15.98 -15.40
CA LYS C 280 11.66 -15.66 -16.71
C LYS C 280 10.50 -14.68 -16.51
N GLU C 281 10.34 -13.77 -17.46
CA GLU C 281 9.09 -13.00 -17.68
C GLU C 281 8.78 -12.19 -16.43
N ASN C 282 9.79 -11.58 -15.81
CA ASN C 282 9.59 -10.67 -14.64
C ASN C 282 9.63 -9.23 -15.11
N LEU C 283 8.81 -8.39 -14.50
CA LEU C 283 8.76 -6.94 -14.72
C LEU C 283 9.55 -6.26 -13.59
N ILE C 284 10.56 -5.48 -13.96
CA ILE C 284 11.39 -4.69 -13.01
C ILE C 284 11.29 -3.24 -13.47
N THR C 285 10.40 -2.47 -12.87
CA THR C 285 10.01 -1.18 -13.48
C THR C 285 9.69 -0.14 -12.41
N SER C 286 9.91 1.14 -12.73
CA SER C 286 9.50 2.27 -11.89
C SER C 286 10.15 2.13 -10.52
N ASN C 287 11.40 1.65 -10.47
CA ASN C 287 12.19 1.58 -9.21
C ASN C 287 13.29 2.63 -9.22
N HIS C 288 13.57 3.16 -8.03
CA HIS C 288 14.74 4.05 -7.78
C HIS C 288 15.86 3.20 -7.17
N PHE C 289 17.02 3.18 -7.83
CA PHE C 289 18.22 2.45 -7.34
C PHE C 289 19.32 3.46 -7.02
N ARG C 290 19.84 3.40 -5.80
CA ARG C 290 20.96 4.26 -5.34
C ARG C 290 22.07 3.33 -4.87
N ARG C 291 23.20 3.27 -5.59
CA ARG C 291 24.42 2.55 -5.14
C ARG C 291 25.35 3.61 -4.57
N GLY C 292 25.61 3.57 -3.26
CA GLY C 292 26.53 4.51 -2.57
C GLY C 292 27.62 3.75 -1.82
N THR C 293 28.30 4.37 -0.85
CA THR C 293 29.31 3.69 -0.01
C THR C 293 28.95 3.89 1.45
N GLU C 294 29.37 2.92 2.26
CA GLU C 294 29.09 2.88 3.72
C GLU C 294 29.59 4.18 4.35
N GLY C 295 28.74 4.81 5.16
CA GLY C 295 29.05 6.03 5.93
C GLY C 295 29.10 5.76 7.42
N PHE C 296 28.59 4.62 7.89
CA PHE C 296 28.58 4.32 9.35
C PHE C 296 29.91 3.65 9.71
N PRO C 297 30.81 4.34 10.47
CA PRO C 297 32.18 3.87 10.68
C PRO C 297 32.36 2.42 11.07
N PRO C 298 31.54 1.85 11.98
CA PRO C 298 31.69 0.44 12.34
C PRO C 298 31.66 -0.54 11.15
N PHE C 299 31.09 -0.16 10.00
CA PHE C 299 30.88 -1.07 8.84
C PHE C 299 31.67 -0.63 7.60
N ILE C 300 32.57 0.35 7.72
CA ILE C 300 33.21 1.01 6.54
C ILE C 300 33.96 -0.03 5.70
N ASP C 301 34.63 -0.99 6.30
CA ASP C 301 35.47 -1.93 5.51
C ASP C 301 34.71 -3.24 5.27
N ARG C 302 33.41 -3.32 5.60
CA ARG C 302 32.59 -4.53 5.30
C ARG C 302 32.27 -4.55 3.79
N THR C 303 32.21 -5.74 3.21
CA THR C 303 31.97 -5.98 1.75
C THR C 303 31.08 -7.21 1.62
N ASN C 304 30.51 -7.45 0.44
CA ASN C 304 29.68 -8.67 0.16
C ASN C 304 30.45 -9.59 -0.79
N GLY C 305 31.74 -9.29 -1.01
CA GLY C 305 32.65 -10.11 -1.81
C GLY C 305 32.51 -9.90 -3.31
N LEU C 306 31.64 -8.99 -3.76
CA LEU C 306 31.35 -8.81 -5.21
C LEU C 306 32.02 -7.53 -5.71
N ASP C 307 32.43 -7.52 -6.97
CA ASP C 307 33.07 -6.33 -7.59
C ASP C 307 32.01 -5.56 -8.41
N ASP C 308 32.40 -4.40 -8.89
CA ASP C 308 31.48 -3.43 -9.53
C ASP C 308 31.10 -3.90 -10.94
N LEU C 309 31.70 -4.98 -11.45
CA LEU C 309 31.30 -5.60 -12.74
C LEU C 309 30.12 -6.56 -12.54
N TYR C 310 29.69 -6.81 -11.31
CA TYR C 310 28.57 -7.74 -11.02
C TYR C 310 27.22 -7.11 -11.43
N GLY C 311 27.11 -5.80 -11.33
CA GLY C 311 25.88 -5.06 -11.64
C GLY C 311 25.17 -4.58 -10.39
N VAL C 312 24.51 -3.42 -10.47
CA VAL C 312 23.46 -2.99 -9.50
C VAL C 312 22.27 -3.96 -9.65
N ILE C 313 21.89 -4.26 -10.89
CA ILE C 313 20.97 -5.35 -11.24
C ILE C 313 21.79 -6.40 -11.98
N HIS C 314 21.74 -7.62 -11.50
CA HIS C 314 22.36 -8.82 -12.14
C HIS C 314 21.23 -9.77 -12.51
N ALA C 315 21.00 -9.98 -13.80
CA ALA C 315 19.82 -10.72 -14.31
C ALA C 315 20.29 -11.91 -15.16
N MET C 316 19.83 -13.11 -14.78
CA MET C 316 20.08 -14.36 -15.53
C MET C 316 18.72 -15.04 -15.80
N GLY C 317 18.21 -14.97 -17.03
CA GLY C 317 16.93 -15.58 -17.39
C GLY C 317 16.32 -14.96 -18.62
N ASP C 318 15.10 -15.38 -18.98
CA ASP C 318 14.48 -15.05 -20.30
C ASP C 318 13.42 -13.97 -20.12
N ASN C 319 13.36 -13.05 -21.07
CA ASN C 319 12.16 -12.23 -21.34
C ASN C 319 11.79 -11.37 -20.12
N ASN C 320 12.77 -10.88 -19.37
CA ASN C 320 12.48 -9.86 -18.32
C ASN C 320 12.41 -8.49 -19.00
N LEU C 321 11.58 -7.61 -18.46
CA LEU C 321 11.49 -6.19 -18.89
C LEU C 321 12.05 -5.36 -17.73
N ILE C 322 13.17 -4.69 -17.96
CA ILE C 322 13.80 -3.79 -16.97
C ILE C 322 13.67 -2.38 -17.53
N SER C 323 12.69 -1.61 -17.07
CA SER C 323 12.26 -0.37 -17.75
C SER C 323 11.97 0.74 -16.75
N ASN C 324 12.16 1.99 -17.16
CA ASN C 324 11.66 3.17 -16.41
C ASN C 324 12.19 3.12 -14.97
N ASN C 325 13.47 2.78 -14.81
CA ASN C 325 14.16 2.84 -13.51
C ASN C 325 15.17 3.99 -13.56
N LEU C 326 15.50 4.53 -12.40
CA LEU C 326 16.61 5.51 -12.22
C LEU C 326 17.69 4.83 -11.37
N PHE C 327 18.94 4.94 -11.81
CA PHE C 327 20.12 4.40 -11.09
C PHE C 327 21.07 5.56 -10.80
N ALA C 328 21.30 5.84 -9.52
CA ALA C 328 22.24 6.88 -9.03
C ALA C 328 23.41 6.18 -8.32
N TYR C 329 24.56 6.17 -8.98
CA TYR C 329 25.81 5.46 -8.59
C TYR C 329 26.81 6.53 -8.16
N ASP C 330 27.25 6.46 -6.91
CA ASP C 330 28.27 7.39 -6.38
C ASP C 330 29.16 6.60 -5.43
N VAL C 331 30.29 6.15 -5.94
CA VAL C 331 31.29 5.35 -5.16
C VAL C 331 32.66 5.98 -5.41
N PRO C 332 33.42 6.34 -4.35
CA PRO C 332 34.77 6.88 -4.52
C PRO C 332 35.60 5.98 -5.41
N PRO C 333 36.33 6.52 -6.41
CA PRO C 333 37.12 5.70 -7.34
C PRO C 333 38.05 4.68 -6.67
N GLY C 334 38.57 5.00 -5.49
CA GLY C 334 39.45 4.11 -4.69
C GLY C 334 38.72 2.90 -4.14
N LYS C 335 37.38 2.91 -4.11
CA LYS C 335 36.59 1.81 -3.49
C LYS C 335 35.89 0.99 -4.58
N ILE C 336 36.12 1.32 -5.84
CA ILE C 336 35.58 0.56 -7.00
C ILE C 336 36.53 -0.59 -7.29
N ALA C 337 35.97 -1.78 -7.56
CA ALA C 337 36.75 -2.99 -7.89
C ALA C 337 36.18 -3.63 -9.14
N PRO C 338 37.02 -4.16 -10.06
CA PRO C 338 38.47 -4.08 -9.96
C PRO C 338 39.05 -2.66 -10.17
N ALA C 339 40.30 -2.45 -9.76
CA ALA C 339 41.05 -1.17 -9.87
C ALA C 339 40.88 -0.57 -11.27
N GLY C 340 40.48 0.70 -11.31
CA GLY C 340 40.28 1.52 -12.53
C GLY C 340 39.13 1.09 -13.43
N ALA C 341 38.35 0.06 -13.10
CA ALA C 341 37.30 -0.52 -14.00
C ALA C 341 36.11 0.44 -14.10
N GLN C 342 35.29 0.30 -15.14
CA GLN C 342 33.98 1.01 -15.25
C GLN C 342 32.95 0.13 -14.57
N PRO C 343 32.27 0.62 -13.52
CA PRO C 343 31.18 -0.12 -12.90
C PRO C 343 30.12 -0.45 -13.97
N THR C 344 29.47 -1.59 -13.78
CA THR C 344 28.32 -2.05 -14.61
C THR C 344 27.05 -1.74 -13.83
N ILE C 345 26.09 -1.07 -14.45
CA ILE C 345 24.81 -0.76 -13.75
C ILE C 345 23.84 -1.94 -13.91
N MET C 346 23.49 -2.27 -15.15
CA MET C 346 22.65 -3.45 -15.44
C MET C 346 23.51 -4.47 -16.17
N LEU C 347 23.66 -5.67 -15.58
CA LEU C 347 24.28 -6.83 -16.26
C LEU C 347 23.19 -7.85 -16.62
N ILE C 348 22.99 -8.08 -17.93
CA ILE C 348 22.31 -9.30 -18.43
C ILE C 348 23.34 -10.42 -18.47
N ALA C 349 23.35 -11.28 -17.45
CA ALA C 349 24.40 -12.31 -17.30
C ALA C 349 24.17 -13.43 -18.32
N GLY C 350 22.94 -13.53 -18.83
CA GLY C 350 22.55 -14.57 -19.79
C GLY C 350 21.04 -14.63 -19.92
N GLY C 351 20.57 -15.38 -20.91
CA GLY C 351 19.14 -15.56 -21.17
C GLY C 351 18.72 -14.92 -22.46
N ASP C 352 17.49 -15.22 -22.85
CA ASP C 352 16.91 -14.94 -24.19
C ASP C 352 15.77 -13.92 -24.07
N GLY C 353 15.82 -12.88 -24.90
CA GLY C 353 14.70 -11.94 -25.14
C GLY C 353 14.59 -10.86 -24.07
N ASN C 354 15.57 -10.68 -23.17
CA ASN C 354 15.47 -9.59 -22.16
C ASN C 354 15.38 -8.23 -22.86
N VAL C 355 14.59 -7.33 -22.28
CA VAL C 355 14.38 -5.96 -22.80
C VAL C 355 14.71 -4.95 -21.69
N ILE C 356 15.63 -4.05 -22.01
CA ILE C 356 16.04 -2.90 -21.13
C ILE C 356 15.61 -1.64 -21.86
N ALA C 357 14.68 -0.87 -21.28
CA ALA C 357 14.02 0.29 -21.94
C ALA C 357 13.86 1.44 -20.96
N THR C 358 14.32 2.63 -21.36
CA THR C 358 13.99 3.93 -20.73
C THR C 358 14.51 3.96 -19.28
N ASN C 359 15.81 3.78 -19.11
CA ASN C 359 16.47 3.80 -17.78
C ASN C 359 17.44 4.98 -17.78
N HIS C 360 17.40 5.78 -16.72
CA HIS C 360 18.35 6.92 -16.54
C HIS C 360 19.41 6.53 -15.54
N VAL C 361 20.67 6.66 -15.94
CA VAL C 361 21.85 6.40 -15.05
C VAL C 361 22.56 7.71 -14.78
N ILE C 362 22.92 7.93 -13.52
CA ILE C 362 23.89 8.96 -13.08
C ILE C 362 25.05 8.21 -12.42
N SER C 363 26.28 8.58 -12.74
CA SER C 363 27.46 8.03 -12.05
C SER C 363 28.51 9.11 -11.93
N ASN C 364 29.31 9.04 -10.86
CA ASN C 364 30.45 9.95 -10.57
C ASN C 364 31.66 9.55 -11.40
N VAL C 365 31.66 8.35 -11.97
CA VAL C 365 32.78 7.86 -12.81
C VAL C 365 32.20 7.36 -14.12
N ASP C 366 33.04 7.13 -15.13
CA ASP C 366 32.64 6.48 -16.39
C ASP C 366 32.09 5.08 -16.06
N THR C 367 30.87 4.79 -16.51
CA THR C 367 30.19 3.51 -16.20
C THR C 367 29.58 2.94 -17.47
N GLN C 368 29.42 1.62 -17.51
CA GLN C 368 28.61 0.92 -18.53
C GLN C 368 27.22 0.78 -17.93
N HIS C 369 26.26 1.50 -18.49
CA HIS C 369 24.84 1.47 -18.07
C HIS C 369 24.36 0.03 -18.20
N VAL C 370 24.73 -0.63 -19.29
CA VAL C 370 24.29 -2.00 -19.60
C VAL C 370 25.49 -2.77 -20.12
N VAL C 371 25.72 -3.96 -19.57
CA VAL C 371 26.63 -4.95 -20.18
C VAL C 371 25.78 -6.18 -20.41
N LEU C 372 25.88 -6.75 -21.61
CA LEU C 372 25.22 -8.03 -21.95
C LEU C 372 26.33 -9.06 -22.12
N ASP C 373 26.23 -10.14 -21.34
CA ASP C 373 27.10 -11.33 -21.45
C ASP C 373 27.02 -11.82 -22.88
N GLY C 374 28.13 -12.33 -23.41
CA GLY C 374 28.15 -12.95 -24.74
C GLY C 374 27.03 -13.96 -24.96
N SER C 375 26.54 -14.63 -23.92
CA SER C 375 25.59 -15.77 -24.01
C SER C 375 24.15 -15.26 -24.14
N ALA C 376 23.90 -13.97 -23.87
CA ALA C 376 22.57 -13.36 -24.05
C ALA C 376 22.19 -13.44 -25.54
N THR C 377 20.92 -13.77 -25.80
CA THR C 377 20.35 -13.86 -27.17
C THR C 377 19.12 -12.96 -27.25
N ARG C 378 18.90 -12.42 -28.44
CA ARG C 378 17.69 -11.62 -28.80
C ARG C 378 17.38 -10.57 -27.73
N SER C 379 18.40 -9.91 -27.19
CA SER C 379 18.24 -8.79 -26.21
C SER C 379 17.90 -7.47 -26.94
N LYS C 380 17.19 -6.58 -26.26
CA LYS C 380 16.93 -5.18 -26.73
C LYS C 380 17.37 -4.22 -25.63
N VAL C 381 18.13 -3.19 -26.00
CA VAL C 381 18.51 -2.06 -25.10
C VAL C 381 18.03 -0.78 -25.77
N LEU C 382 17.01 -0.14 -25.20
CA LEU C 382 16.38 1.09 -25.74
C LEU C 382 16.56 2.23 -24.75
N ASP C 383 17.15 3.34 -25.18
CA ASP C 383 17.07 4.63 -24.45
C ASP C 383 17.50 4.43 -22.99
N SER C 384 18.62 3.75 -22.79
CA SER C 384 19.21 3.44 -21.46
C SER C 384 20.67 3.88 -21.42
N GLY C 385 21.02 4.84 -22.29
CA GLY C 385 22.37 5.44 -22.31
C GLY C 385 22.89 5.60 -23.74
N ALA C 386 23.87 6.47 -23.90
CA ALA C 386 24.59 6.65 -25.17
C ALA C 386 25.30 5.34 -25.55
N ALA C 387 25.65 5.18 -26.84
CA ALA C 387 26.33 3.99 -27.41
C ALA C 387 27.57 3.64 -26.57
N SER C 388 28.31 4.64 -26.08
CA SER C 388 29.58 4.47 -25.35
C SER C 388 29.35 3.92 -23.94
N THR C 389 28.08 3.84 -23.47
CA THR C 389 27.70 3.32 -22.13
C THR C 389 27.06 1.93 -22.23
N ILE C 390 26.88 1.40 -23.44
CA ILE C 390 26.28 0.06 -23.66
C ILE C 390 27.36 -0.86 -24.18
N THR C 391 27.66 -1.95 -23.47
CA THR C 391 28.61 -2.98 -23.96
C THR C 391 27.82 -4.26 -24.18
N SER C 392 27.66 -4.68 -25.44
CA SER C 392 27.06 -5.98 -25.80
C SER C 392 28.15 -6.92 -26.29
N TYR C 393 28.56 -7.87 -25.47
CA TYR C 393 29.49 -8.93 -25.91
C TYR C 393 28.68 -9.95 -26.71
N SER C 394 27.34 -9.94 -26.55
CA SER C 394 26.44 -10.72 -27.44
C SER C 394 26.39 -10.03 -28.79
N PRO C 395 26.50 -10.79 -29.91
CA PRO C 395 26.48 -10.19 -31.24
C PRO C 395 25.10 -9.81 -31.79
N ASP C 396 24.01 -10.33 -31.20
CA ASP C 396 22.65 -10.11 -31.78
C ASP C 396 21.80 -9.14 -30.94
N THR C 397 22.40 -8.32 -30.07
CA THR C 397 21.66 -7.32 -29.26
C THR C 397 21.22 -6.17 -30.16
N ALA C 398 19.94 -5.79 -30.16
CA ALA C 398 19.44 -4.57 -30.82
C ALA C 398 19.55 -3.40 -29.83
N ILE C 399 20.35 -2.40 -30.18
CA ILE C 399 20.66 -1.22 -29.31
C ILE C 399 20.10 0.02 -29.97
N ARG C 400 19.21 0.75 -29.30
CA ARG C 400 18.88 2.15 -29.63
C ARG C 400 19.50 3.02 -28.55
N PRO C 401 20.58 3.74 -28.91
CA PRO C 401 21.25 4.67 -28.00
C PRO C 401 20.27 5.78 -27.62
N THR C 402 20.37 6.31 -26.40
CA THR C 402 19.66 7.55 -26.01
C THR C 402 20.11 8.65 -26.99
N PRO C 403 19.18 9.32 -27.70
CA PRO C 403 19.57 10.31 -28.72
C PRO C 403 20.60 11.36 -28.25
#